data_3L54
#
_entry.id   3L54
#
_cell.length_a   145.262
_cell.length_b   68.406
_cell.length_c   106.724
_cell.angle_alpha   90.00
_cell.angle_beta   94.76
_cell.angle_gamma   90.00
#
_symmetry.space_group_name_H-M   'C 1 2 1'
#
loop_
_entity.id
_entity.type
_entity.pdbx_description
1 polymer 'Phosphatidylinositol-4,5-bisphosphate 3-kinase catalytic subunit gamma isoform'
2 non-polymer 'SULFATE ION'
3 non-polymer 6-(1H-pyrazolo[3,4-b]pyridin-5-yl)-4-pyridin-4-ylquinoline
4 water water
#
_entity_poly.entity_id   1
_entity_poly.type   'polypeptide(L)'
_entity_poly.pdbx_seq_one_letter_code
;MSEESQAFQRQLTALIGYDVTDVSNVHDDELEFTRRGLVTPRMAEVASRDPKLYAMHPWVTSKPLPEYLWKKIANNCIFI
VIHRSTTSQTIKVSPDDTPGAILQSFFTKMAKKKSLMDIPESQSEQDFVLRVCGRDEYLVGETPIKNFQWVRQCLKNGEE
IHVVLDTPPDPALDEVRKEEWPLVDDCTGVTGYHEQLTIHGKDHESVFTVSLWDCDRKFRVKIRGIDIPVLPRNTDLTVF
VEANIQHGQQVLCQRRTSPKPFTEEVLWNVWLEFSIKIKDLPKGALLNLQIYCGKAPALSSKASAESPSSESKGKVQLLY
YVNLLLIDHRFLLRRGEYVLHMWQISGKGEDQGSFNADKLTSATNPDKENSMSISILLDNYCHPIALPKHQPTPDPEGDR
VRAEMPNQLRKQLEAIIATDPLNPLTAEDKELLWHFRYESLKHPKAYPKLFSSVKWGQQEIVAKTYQLLARREVWDQSAL
DVGLTMQLLDCNFSDENVRAIAVQKLESLEDDDVLHYLLQLVQAVKFEPYHDSALARFLLKRGLRNKRIGHFLFWFLRSE
IAQSRHYQQRFAVILEAYLRGCGTAMLHDFTQQVQVIEMLQKVTLDIKSLSAEKYDVSSQVISQLKQKLENLQNLNLPES
FRVPYDPGLKAGALAIEKCKVMASKKKPLWLEFKCADPTALSNETIGIIFKHGDDLRQDMLILQILRIMESIWETESLDL
CLLPYGCISTGDKIGMIEIVKDATTIAKIQQSTVGNTGAFKDEVLNHWLKEKSPTEEKFQAAVERFVYSCAGYCVATFVL
GIGDRHNDNIMITETGNLFHIDFGHILGNYKSFLGINKERVPFVLTPDFLFVMGTSGKKTSPHFQKFQDVCVKAYLALRH
HTNLLIILFSMMLMTGMPQLTSKEDIEYIRDALTVGKNEEDAKKYFLDQIEVCRDKGWTVQFNWFLHLVLGIKQGEKHSA
HHHHHH
;
_entity_poly.pdbx_strand_id   A
#
loop_
_chem_comp.id
_chem_comp.type
_chem_comp.name
_chem_comp.formula
LXX non-polymer 6-(1H-pyrazolo[3,4-b]pyridin-5-yl)-4-pyridin-4-ylquinoline 'C20 H13 N5'
SO4 non-polymer 'SULFATE ION' 'O4 S -2'
#
# COMPACT_ATOMS: atom_id res chain seq x y z
N MET A 1 -24.26 -21.48 19.97
CA MET A 1 -23.64 -21.59 18.66
C MET A 1 -24.21 -22.75 17.86
N SER A 5 -24.89 -20.81 12.56
CA SER A 5 -23.62 -20.15 12.81
C SER A 5 -22.47 -20.99 12.27
N GLN A 6 -22.69 -22.29 12.17
CA GLN A 6 -21.66 -23.19 11.64
C GLN A 6 -21.48 -22.92 10.16
N ALA A 7 -22.59 -22.96 9.42
CA ALA A 7 -22.56 -22.60 8.01
C ALA A 7 -22.12 -21.16 7.84
N PHE A 8 -22.08 -20.44 8.95
CA PHE A 8 -21.65 -19.04 8.95
C PHE A 8 -20.15 -18.95 9.15
N GLN A 9 -19.63 -19.59 10.20
CA GLN A 9 -18.20 -19.61 10.42
C GLN A 9 -17.53 -20.27 9.23
N ARG A 10 -18.29 -21.09 8.51
CA ARG A 10 -17.81 -21.72 7.29
C ARG A 10 -17.72 -20.70 6.18
N GLN A 11 -18.73 -19.86 6.07
CA GLN A 11 -18.73 -18.80 5.06
C GLN A 11 -17.59 -17.81 5.29
N LEU A 12 -17.50 -17.30 6.52
CA LEU A 12 -16.40 -16.42 6.90
C LEU A 12 -15.07 -17.01 6.48
N THR A 13 -14.82 -18.25 6.91
CA THR A 13 -13.60 -18.95 6.56
C THR A 13 -13.33 -18.83 5.07
N ALA A 14 -14.36 -19.06 4.27
CA ALA A 14 -14.22 -19.00 2.81
C ALA A 14 -13.97 -17.56 2.32
N LEU A 15 -14.61 -16.60 2.97
CA LEU A 15 -14.35 -15.20 2.66
C LEU A 15 -12.94 -14.80 3.07
N ILE A 16 -12.50 -15.30 4.22
CA ILE A 16 -11.19 -14.95 4.76
C ILE A 16 -10.03 -15.67 4.05
N GLY A 17 -10.26 -16.94 3.69
CA GLY A 17 -9.23 -17.76 3.09
C GLY A 17 -8.35 -18.39 4.15
N TYR A 18 -8.83 -18.37 5.40
CA TYR A 18 -8.10 -18.92 6.53
C TYR A 18 -9.06 -19.11 7.72
N ASP A 19 -8.81 -20.16 8.51
CA ASP A 19 -9.72 -20.55 9.58
C ASP A 19 -9.25 -20.04 10.94
N VAL A 20 -9.87 -18.96 11.42
CA VAL A 20 -9.42 -18.30 12.66
C VAL A 20 -9.76 -19.09 13.90
N THR A 21 -10.22 -20.33 13.73
CA THR A 21 -10.54 -21.20 14.85
C THR A 21 -9.52 -22.32 14.97
N ASP A 22 -8.59 -22.36 14.02
CA ASP A 22 -7.57 -23.41 13.99
C ASP A 22 -6.40 -23.12 14.91
N VAL A 23 -6.32 -23.86 16.02
CA VAL A 23 -5.25 -23.68 16.98
C VAL A 23 -4.11 -24.68 16.80
N SER A 24 -3.91 -25.13 15.57
CA SER A 24 -2.86 -26.09 15.25
C SER A 24 -1.47 -25.45 15.28
N ASN A 25 -1.43 -24.15 15.06
CA ASN A 25 -0.16 -23.44 14.96
C ASN A 25 -0.01 -22.30 15.98
N VAL A 26 -0.27 -22.57 17.25
CA VAL A 26 -0.07 -21.57 18.29
C VAL A 26 0.64 -22.16 19.50
N HIS A 27 1.20 -21.30 20.36
CA HIS A 27 1.75 -21.75 21.62
C HIS A 27 1.12 -20.99 22.78
N ASP A 28 0.17 -20.11 22.46
CA ASP A 28 -0.60 -19.42 23.48
C ASP A 28 -1.96 -19.00 22.92
N ASP A 29 -2.71 -18.25 23.70
CA ASP A 29 -4.07 -17.89 23.31
C ASP A 29 -4.21 -16.44 22.88
N GLU A 30 -3.13 -15.83 22.42
CA GLU A 30 -3.21 -14.41 22.06
C GLU A 30 -4.23 -14.17 20.95
N LEU A 31 -4.29 -15.11 19.99
CA LEU A 31 -5.19 -14.95 18.87
C LEU A 31 -6.65 -14.99 19.29
N GLU A 32 -7.00 -15.98 20.11
CA GLU A 32 -8.37 -16.12 20.58
C GLU A 32 -8.72 -14.95 21.49
N PHE A 33 -7.74 -14.49 22.24
CA PHE A 33 -7.90 -13.35 23.12
C PHE A 33 -8.16 -12.10 22.28
N THR A 34 -7.44 -11.98 21.17
CA THR A 34 -7.66 -10.87 20.25
C THR A 34 -9.04 -10.96 19.58
N ARG A 35 -9.44 -12.16 19.19
CA ARG A 35 -10.78 -12.35 18.64
C ARG A 35 -11.83 -11.77 19.57
N ARG A 36 -11.71 -12.07 20.86
CA ARG A 36 -12.65 -11.60 21.86
C ARG A 36 -12.55 -10.09 22.05
N GLY A 37 -11.33 -9.59 22.18
CA GLY A 37 -11.11 -8.17 22.38
C GLY A 37 -11.73 -7.30 21.30
N LEU A 38 -11.64 -7.74 20.05
CA LEU A 38 -12.14 -6.95 18.94
C LEU A 38 -13.68 -6.90 18.88
N VAL A 39 -14.34 -7.63 19.78
CA VAL A 39 -15.80 -7.63 19.81
C VAL A 39 -16.33 -6.26 20.23
N THR A 40 -15.68 -5.64 21.21
CA THR A 40 -16.12 -4.36 21.74
C THR A 40 -15.98 -3.20 20.73
N PRO A 41 -14.80 -3.07 20.12
CA PRO A 41 -14.62 -2.03 19.08
C PRO A 41 -15.60 -2.20 17.93
N ARG A 42 -15.84 -3.44 17.52
CA ARG A 42 -16.75 -3.74 16.41
C ARG A 42 -18.17 -3.30 16.74
N MET A 43 -18.65 -3.75 17.89
CA MET A 43 -20.02 -3.49 18.30
C MET A 43 -20.26 -2.01 18.55
N ALA A 44 -19.30 -1.36 19.19
CA ALA A 44 -19.38 0.08 19.43
C ALA A 44 -19.64 0.84 18.14
N GLU A 45 -18.84 0.54 17.12
CA GLU A 45 -18.90 1.24 15.83
C GLU A 45 -20.16 0.90 15.02
N VAL A 46 -20.55 -0.37 15.00
CA VAL A 46 -21.77 -0.78 14.33
C VAL A 46 -22.99 -0.12 14.99
N ALA A 47 -22.91 0.01 16.31
CA ALA A 47 -23.98 0.62 17.08
C ALA A 47 -24.08 2.13 16.86
N SER A 48 -23.01 2.75 16.40
CA SER A 48 -22.98 4.21 16.31
C SER A 48 -22.93 4.74 14.88
N ARG A 49 -23.24 3.90 13.89
CA ARG A 49 -23.19 4.35 12.51
C ARG A 49 -24.57 4.67 11.94
N ASP A 50 -24.65 5.80 11.22
CA ASP A 50 -25.87 6.21 10.56
C ASP A 50 -26.21 5.24 9.44
N PRO A 51 -27.41 4.63 9.50
CA PRO A 51 -27.86 3.63 8.51
C PRO A 51 -27.93 4.16 7.08
N LYS A 52 -28.43 5.39 6.88
CA LYS A 52 -28.58 5.95 5.53
C LYS A 52 -27.24 6.40 4.96
N LEU A 53 -26.45 7.06 5.78
CA LEU A 53 -25.12 7.48 5.37
C LEU A 53 -24.31 6.24 5.00
N TYR A 54 -24.36 5.25 5.87
CA TYR A 54 -23.61 4.01 5.66
C TYR A 54 -24.01 3.31 4.36
N ALA A 55 -25.32 3.34 4.06
CA ALA A 55 -25.84 2.66 2.88
C ALA A 55 -25.48 3.39 1.58
N MET A 56 -25.38 4.72 1.64
CA MET A 56 -25.09 5.52 0.45
C MET A 56 -23.61 5.91 0.30
N HIS A 57 -22.85 5.83 1.38
CA HIS A 57 -21.41 6.06 1.35
C HIS A 57 -20.96 7.22 0.45
N PRO A 58 -21.40 8.44 0.78
CA PRO A 58 -20.97 9.61 0.00
C PRO A 58 -19.45 9.73 -0.04
N TRP A 59 -18.88 9.80 -1.24
CA TRP A 59 -17.44 9.98 -1.37
C TRP A 59 -17.10 11.46 -1.50
N VAL A 60 -16.73 12.08 -0.39
CA VAL A 60 -16.46 13.51 -0.35
C VAL A 60 -15.08 13.85 0.19
N THR A 61 -14.69 15.11 0.02
CA THR A 61 -13.47 15.63 0.61
C THR A 61 -13.71 17.06 1.12
N SER A 62 -12.87 17.51 2.03
CA SER A 62 -12.98 18.86 2.56
C SER A 62 -11.76 19.68 2.18
N LYS A 63 -11.06 19.22 1.15
CA LYS A 63 -9.96 19.98 0.58
C LYS A 63 -10.50 21.05 -0.36
N PRO A 64 -9.73 22.12 -0.57
CA PRO A 64 -10.17 23.16 -1.51
C PRO A 64 -10.19 22.61 -2.93
N LEU A 65 -11.08 23.12 -3.76
CA LEU A 65 -11.08 22.70 -5.16
C LEU A 65 -9.82 23.23 -5.83
N PRO A 66 -9.00 22.31 -6.38
CA PRO A 66 -7.73 22.69 -7.00
C PRO A 66 -7.89 23.87 -7.95
N GLU A 67 -6.85 24.70 -8.07
CA GLU A 67 -6.88 25.84 -8.98
C GLU A 67 -7.13 25.39 -10.41
N TYR A 68 -6.58 24.24 -10.79
CA TYR A 68 -6.71 23.74 -12.16
C TYR A 68 -8.11 23.20 -12.45
N LEU A 69 -8.88 22.92 -11.40
CA LEU A 69 -10.26 22.49 -11.58
C LEU A 69 -11.22 23.68 -11.55
N TRP A 70 -10.86 24.71 -10.77
CA TRP A 70 -11.62 25.95 -10.74
C TRP A 70 -11.73 26.52 -12.15
N LYS A 71 -10.59 26.72 -12.79
CA LYS A 71 -10.53 27.26 -14.14
C LYS A 71 -11.45 26.51 -15.11
N LYS A 72 -11.65 25.21 -14.86
CA LYS A 72 -12.49 24.39 -15.72
C LYS A 72 -13.98 24.76 -15.59
N ILE A 73 -14.29 25.61 -14.62
CA ILE A 73 -15.67 26.01 -14.37
C ILE A 73 -15.97 27.40 -14.92
N ALA A 74 -17.05 27.51 -15.68
CA ALA A 74 -17.50 28.80 -16.19
C ALA A 74 -18.43 29.45 -15.18
N ASN A 75 -18.04 30.63 -14.68
CA ASN A 75 -18.84 31.34 -13.70
C ASN A 75 -19.12 30.46 -12.48
N ASN A 76 -20.14 30.80 -11.71
CA ASN A 76 -20.56 29.97 -10.60
C ASN A 76 -21.56 28.93 -11.09
N CYS A 77 -21.22 28.28 -12.20
CA CYS A 77 -22.16 27.39 -12.88
C CYS A 77 -21.59 26.00 -13.14
N ILE A 78 -22.36 24.98 -12.76
CA ILE A 78 -22.01 23.59 -13.05
C ILE A 78 -23.27 22.84 -13.48
N PHE A 79 -23.24 22.28 -14.68
CA PHE A 79 -24.41 21.60 -15.23
C PHE A 79 -24.48 20.13 -14.84
N ILE A 80 -25.66 19.69 -14.41
CA ILE A 80 -25.89 18.30 -14.07
C ILE A 80 -27.08 17.74 -14.86
N VAL A 81 -26.90 16.57 -15.47
CA VAL A 81 -27.97 15.97 -16.25
C VAL A 81 -28.67 14.89 -15.44
N ILE A 82 -29.96 15.09 -15.19
CA ILE A 82 -30.73 14.17 -14.36
C ILE A 82 -31.59 13.23 -15.21
N HIS A 83 -31.74 11.99 -14.74
CA HIS A 83 -32.43 10.97 -15.51
C HIS A 83 -33.53 10.28 -14.68
N ARG A 84 -34.71 10.16 -15.28
CA ARG A 84 -35.82 9.47 -14.62
C ARG A 84 -36.67 8.74 -15.64
N SER A 85 -36.68 7.40 -15.54
CA SER A 85 -37.44 6.59 -16.48
C SER A 85 -36.99 6.82 -17.92
N THR A 86 -37.61 7.78 -18.59
CA THR A 86 -37.26 8.12 -19.97
C THR A 86 -36.87 9.59 -20.09
N THR A 87 -37.34 10.42 -19.16
CA THR A 87 -37.06 11.86 -19.20
C THR A 87 -35.58 12.19 -18.93
N SER A 88 -35.19 13.40 -19.31
CA SER A 88 -33.81 13.86 -19.16
C SER A 88 -33.73 15.38 -19.26
N GLN A 89 -33.28 16.03 -18.18
CA GLN A 89 -33.17 17.49 -18.16
C GLN A 89 -31.92 17.97 -17.44
N THR A 90 -31.10 18.74 -18.14
CA THR A 90 -29.91 19.35 -17.54
C THR A 90 -30.32 20.46 -16.58
N ILE A 91 -29.53 20.64 -15.52
CA ILE A 91 -29.83 21.67 -14.52
C ILE A 91 -28.58 22.39 -14.01
N LYS A 92 -28.57 23.71 -14.19
CA LYS A 92 -27.45 24.55 -13.74
C LYS A 92 -27.34 24.52 -12.22
N VAL A 93 -26.12 24.73 -11.72
CA VAL A 93 -25.87 24.65 -10.28
C VAL A 93 -24.68 25.52 -9.87
N SER A 94 -24.69 25.99 -8.63
CA SER A 94 -23.50 26.62 -8.06
C SER A 94 -22.66 25.57 -7.35
N PRO A 95 -21.33 25.63 -7.55
CA PRO A 95 -20.39 24.67 -6.95
C PRO A 95 -20.47 24.63 -5.43
N ASP A 96 -21.22 25.57 -4.85
CA ASP A 96 -21.24 25.70 -3.39
C ASP A 96 -22.52 25.19 -2.74
N ASP A 97 -23.48 24.73 -3.54
CA ASP A 97 -24.75 24.29 -2.96
C ASP A 97 -24.88 22.77 -2.83
N THR A 98 -25.61 22.35 -1.79
CA THR A 98 -25.82 20.94 -1.50
C THR A 98 -26.70 20.28 -2.55
N PRO A 99 -26.59 18.95 -2.68
CA PRO A 99 -27.45 18.19 -3.60
C PRO A 99 -28.92 18.30 -3.20
N GLY A 100 -29.17 18.42 -1.90
CA GLY A 100 -30.52 18.55 -1.39
C GLY A 100 -31.20 19.81 -1.90
N ALA A 101 -30.40 20.85 -2.11
CA ALA A 101 -30.88 22.10 -2.68
C ALA A 101 -31.13 21.94 -4.17
N ILE A 102 -30.18 21.31 -4.85
CA ILE A 102 -30.32 21.05 -6.28
C ILE A 102 -31.60 20.27 -6.58
N LEU A 103 -31.93 19.35 -5.69
CA LEU A 103 -33.14 18.54 -5.83
C LEU A 103 -34.38 19.42 -5.91
N GLN A 104 -34.50 20.36 -4.98
CA GLN A 104 -35.66 21.25 -4.94
C GLN A 104 -35.68 22.23 -6.10
N SER A 105 -34.50 22.50 -6.65
CA SER A 105 -34.39 23.36 -7.83
C SER A 105 -34.77 22.59 -9.09
N PHE A 106 -35.01 21.29 -8.92
CA PHE A 106 -35.39 20.42 -10.03
C PHE A 106 -36.90 20.30 -10.10
N PHE A 107 -37.52 20.08 -8.93
CA PHE A 107 -38.96 20.00 -8.84
C PHE A 107 -39.57 21.38 -9.07
N THR A 108 -38.95 22.38 -8.47
CA THR A 108 -39.40 23.77 -8.63
C THR A 108 -38.69 24.42 -9.81
N ASP A 127 -39.03 11.34 -1.58
CA ASP A 127 -37.69 10.97 -1.13
C ASP A 127 -36.90 10.24 -2.21
N PHE A 128 -36.24 11.01 -3.07
CA PHE A 128 -35.36 10.46 -4.10
C PHE A 128 -33.92 10.90 -3.82
N VAL A 129 -32.97 10.27 -4.49
CA VAL A 129 -31.57 10.61 -4.28
C VAL A 129 -30.78 10.50 -5.58
N LEU A 130 -29.84 11.43 -5.77
CA LEU A 130 -29.09 11.52 -7.02
C LEU A 130 -27.97 10.51 -7.09
N ARG A 131 -28.18 9.45 -7.86
CA ARG A 131 -27.16 8.43 -8.05
C ARG A 131 -26.48 8.60 -9.42
N VAL A 132 -25.17 8.43 -9.45
CA VAL A 132 -24.42 8.53 -10.70
C VAL A 132 -24.87 7.44 -11.67
N CYS A 133 -24.95 7.79 -12.96
CA CYS A 133 -25.38 6.83 -13.96
C CYS A 133 -24.34 5.75 -14.16
N GLY A 134 -24.76 4.49 -14.06
CA GLY A 134 -23.90 3.36 -14.33
C GLY A 134 -22.92 3.05 -13.22
N ARG A 135 -23.19 3.57 -12.03
CA ARG A 135 -22.32 3.35 -10.88
C ARG A 135 -23.10 3.30 -9.58
N ASP A 136 -22.57 2.56 -8.61
CA ASP A 136 -23.07 2.63 -7.24
C ASP A 136 -22.39 3.77 -6.51
N GLU A 137 -22.83 5.00 -6.80
CA GLU A 137 -22.20 6.19 -6.25
C GLU A 137 -23.27 7.26 -6.06
N TYR A 138 -23.34 7.82 -4.87
CA TYR A 138 -24.41 8.75 -4.53
C TYR A 138 -23.87 10.12 -4.18
N LEU A 139 -24.52 11.15 -4.71
CA LEU A 139 -24.20 12.51 -4.33
C LEU A 139 -25.22 12.95 -3.27
N VAL A 140 -24.92 12.64 -2.02
CA VAL A 140 -25.84 12.88 -0.91
C VAL A 140 -25.10 13.48 0.28
N GLY A 141 -25.86 13.98 1.25
CA GLY A 141 -25.30 14.54 2.45
C GLY A 141 -25.23 16.05 2.36
N GLU A 142 -24.85 16.70 3.45
CA GLU A 142 -24.78 18.16 3.47
C GLU A 142 -23.38 18.66 3.10
N THR A 143 -22.98 18.39 1.86
CA THR A 143 -21.70 18.90 1.35
C THR A 143 -21.90 19.60 0.00
N PRO A 144 -21.12 20.66 -0.26
CA PRO A 144 -21.17 21.35 -1.55
C PRO A 144 -20.90 20.37 -2.70
N ILE A 145 -21.67 20.50 -3.78
CA ILE A 145 -21.56 19.59 -4.91
C ILE A 145 -20.13 19.48 -5.46
N LYS A 146 -19.33 20.52 -5.27
CA LYS A 146 -17.96 20.54 -5.78
C LYS A 146 -17.03 19.67 -4.93
N ASN A 147 -17.55 19.18 -3.82
CA ASN A 147 -16.75 18.44 -2.86
C ASN A 147 -17.04 16.93 -2.84
N PHE A 148 -17.65 16.44 -3.91
CA PHE A 148 -17.83 15.02 -4.12
C PHE A 148 -16.75 14.52 -5.06
N GLN A 149 -16.01 13.49 -4.64
CA GLN A 149 -14.89 13.01 -5.43
C GLN A 149 -15.27 12.73 -6.89
N TRP A 150 -16.51 12.30 -7.11
CA TRP A 150 -16.94 12.00 -8.48
C TRP A 150 -16.99 13.27 -9.32
N VAL A 151 -17.56 14.34 -8.77
CA VAL A 151 -17.66 15.61 -9.46
C VAL A 151 -16.28 16.15 -9.80
N ARG A 152 -15.32 15.95 -8.91
CA ARG A 152 -13.96 16.40 -9.17
C ARG A 152 -13.31 15.55 -10.27
N GLN A 153 -13.76 14.31 -10.40
CA GLN A 153 -13.21 13.40 -11.39
C GLN A 153 -13.70 13.74 -12.80
N CYS A 154 -14.97 14.10 -12.92
CA CYS A 154 -15.56 14.49 -14.20
C CYS A 154 -14.93 15.80 -14.71
N LEU A 155 -14.89 16.80 -13.85
CA LEU A 155 -14.25 18.07 -14.17
C LEU A 155 -12.82 17.89 -14.70
N LYS A 156 -12.00 17.16 -13.95
CA LYS A 156 -10.61 16.92 -14.34
C LYS A 156 -10.53 16.26 -15.71
N ASN A 157 -11.33 15.23 -15.92
CA ASN A 157 -11.30 14.46 -17.16
C ASN A 157 -11.94 15.19 -18.33
N GLY A 158 -12.79 16.16 -18.03
CA GLY A 158 -13.55 16.85 -19.06
C GLY A 158 -14.79 16.05 -19.39
N GLU A 159 -15.20 15.20 -18.46
CA GLU A 159 -16.40 14.39 -18.59
C GLU A 159 -17.58 15.10 -17.94
N GLU A 160 -18.79 14.80 -18.41
CA GLU A 160 -19.98 15.46 -17.90
C GLU A 160 -20.67 14.67 -16.79
N ILE A 161 -21.26 15.40 -15.85
CA ILE A 161 -21.87 14.78 -14.67
C ILE A 161 -23.29 14.30 -14.95
N HIS A 162 -23.45 12.98 -15.07
CA HIS A 162 -24.76 12.40 -15.31
C HIS A 162 -25.24 11.60 -14.11
N VAL A 163 -26.40 11.96 -13.59
CA VAL A 163 -26.97 11.25 -12.45
C VAL A 163 -28.37 10.77 -12.75
N VAL A 164 -28.73 9.61 -12.18
CA VAL A 164 -30.10 9.12 -12.23
C VAL A 164 -30.81 9.46 -10.92
N LEU A 165 -32.09 9.84 -11.03
CA LEU A 165 -32.89 10.13 -9.86
C LEU A 165 -33.74 8.91 -9.53
N ASP A 166 -33.43 8.27 -8.40
CA ASP A 166 -34.17 7.08 -7.98
C ASP A 166 -34.30 6.99 -6.46
N THR A 167 -34.86 5.88 -5.99
CA THR A 167 -35.14 5.70 -4.57
C THR A 167 -33.89 5.30 -3.80
N PRO A 168 -33.78 5.76 -2.55
CA PRO A 168 -32.64 5.47 -1.67
C PRO A 168 -32.55 3.99 -1.35
N PRO A 169 -31.33 3.46 -1.23
CA PRO A 169 -31.09 2.07 -0.86
C PRO A 169 -31.60 1.76 0.55
N ASP A 170 -32.37 0.69 0.68
CA ASP A 170 -32.93 0.27 1.96
C ASP A 170 -31.81 -0.14 2.91
N PRO A 171 -31.62 0.63 3.99
CA PRO A 171 -30.59 0.33 5.00
C PRO A 171 -30.84 -1.00 5.70
N ALA A 172 -32.03 -1.57 5.48
CA ALA A 172 -32.35 -2.88 6.00
C ALA A 172 -31.41 -3.94 5.44
N LEU A 173 -30.85 -3.64 4.27
CA LEU A 173 -29.93 -4.54 3.59
C LEU A 173 -28.59 -4.67 4.32
N ASP A 174 -28.25 -3.67 5.11
CA ASP A 174 -26.96 -3.63 5.81
C ASP A 174 -27.08 -4.21 7.20
N GLU A 175 -28.07 -5.06 7.41
CA GLU A 175 -28.32 -5.68 8.70
C GLU A 175 -27.17 -6.60 9.10
N VAL A 176 -26.78 -6.51 10.37
CA VAL A 176 -25.71 -7.33 10.91
C VAL A 176 -26.28 -8.51 11.67
N ARG A 177 -25.74 -9.70 11.44
CA ARG A 177 -26.22 -10.91 12.11
C ARG A 177 -26.06 -10.82 13.64
N LYS A 178 -27.11 -11.20 14.37
CA LYS A 178 -27.08 -11.19 15.83
C LYS A 178 -26.09 -12.21 16.39
N GLU A 179 -25.36 -11.81 17.42
CA GLU A 179 -24.46 -12.73 18.13
C GLU A 179 -25.27 -13.82 18.85
N SER A 211 5.37 -9.49 40.88
CA SER A 211 5.70 -8.26 40.18
C SER A 211 7.02 -8.38 39.41
N LEU A 212 7.02 -7.88 38.18
CA LEU A 212 8.22 -7.90 37.36
C LEU A 212 9.32 -7.03 37.97
N TRP A 213 8.93 -5.85 38.45
CA TRP A 213 9.89 -4.88 38.98
C TRP A 213 10.44 -5.28 40.35
N ASP A 214 10.18 -6.52 40.76
CA ASP A 214 10.72 -7.03 42.01
C ASP A 214 11.80 -8.08 41.78
N CYS A 215 11.83 -8.64 40.57
CA CYS A 215 12.82 -9.64 40.23
C CYS A 215 14.05 -8.97 39.63
N ASP A 216 15.12 -8.93 40.43
CA ASP A 216 16.34 -8.23 40.04
C ASP A 216 17.35 -9.20 39.42
N ARG A 217 17.00 -10.49 39.41
CA ARG A 217 17.85 -11.49 38.78
C ARG A 217 18.02 -11.19 37.29
N LYS A 218 19.14 -11.60 36.73
CA LYS A 218 19.37 -11.48 35.30
C LYS A 218 18.40 -12.40 34.57
N PHE A 219 17.94 -11.96 33.40
CA PHE A 219 17.09 -12.82 32.59
C PHE A 219 17.91 -13.98 32.03
N ARG A 220 17.29 -15.14 31.89
CA ARG A 220 17.96 -16.25 31.22
C ARG A 220 17.00 -17.15 30.44
N VAL A 221 17.56 -17.86 29.46
CA VAL A 221 16.82 -18.84 28.69
C VAL A 221 17.74 -20.01 28.34
N LYS A 222 17.25 -21.23 28.57
CA LYS A 222 18.03 -22.40 28.26
C LYS A 222 17.75 -22.87 26.84
N ILE A 223 18.79 -22.99 26.04
CA ILE A 223 18.66 -23.57 24.71
C ILE A 223 18.82 -25.06 24.83
N ARG A 224 17.75 -25.81 24.62
CA ARG A 224 17.81 -27.26 24.73
C ARG A 224 18.47 -27.85 23.49
N GLY A 225 17.89 -27.58 22.32
CA GLY A 225 18.48 -28.03 21.06
C GLY A 225 17.65 -27.64 19.85
N ILE A 226 18.19 -27.93 18.67
CA ILE A 226 17.48 -27.69 17.42
C ILE A 226 17.26 -28.99 16.66
N ASP A 227 16.14 -29.09 15.96
CA ASP A 227 15.78 -30.33 15.27
C ASP A 227 15.22 -30.04 13.87
N ILE A 228 15.83 -30.65 12.86
CA ILE A 228 15.29 -30.62 11.50
C ILE A 228 15.40 -31.99 10.85
N PRO A 229 14.32 -32.45 10.21
CA PRO A 229 14.31 -33.77 9.58
C PRO A 229 15.40 -33.92 8.52
N VAL A 230 15.35 -33.11 7.48
CA VAL A 230 16.33 -33.16 6.40
C VAL A 230 17.07 -31.83 6.28
N LEU A 231 18.39 -31.87 6.36
CA LEU A 231 19.20 -30.66 6.23
C LEU A 231 19.82 -30.55 4.84
N PRO A 232 20.15 -29.33 4.41
CA PRO A 232 20.69 -29.07 3.06
C PRO A 232 21.81 -30.04 2.66
N ARG A 233 21.94 -30.28 1.37
CA ARG A 233 22.96 -31.18 0.84
C ARG A 233 24.37 -30.60 0.95
N ASN A 234 24.51 -29.56 1.77
CA ASN A 234 25.77 -28.85 1.90
C ASN A 234 26.60 -29.30 3.11
N THR A 235 27.28 -30.44 2.98
CA THR A 235 28.18 -30.93 4.01
C THR A 235 29.44 -30.06 4.05
N ASP A 236 29.85 -29.65 5.25
CA ASP A 236 29.21 -30.05 6.50
C ASP A 236 28.65 -28.86 7.29
N LEU A 237 29.44 -27.78 7.35
CA LEU A 237 29.03 -26.56 8.05
C LEU A 237 28.99 -26.72 9.57
N THR A 238 29.07 -25.60 10.26
CA THR A 238 28.95 -25.56 11.72
C THR A 238 27.89 -24.52 12.08
N VAL A 239 27.21 -24.71 13.20
CA VAL A 239 26.11 -23.82 13.57
C VAL A 239 26.16 -23.33 15.01
N PHE A 240 25.53 -22.20 15.26
CA PHE A 240 25.29 -21.75 16.63
C PHE A 240 23.94 -21.02 16.72
N VAL A 241 23.39 -20.96 17.92
CA VAL A 241 22.16 -20.24 18.14
C VAL A 241 22.45 -18.88 18.75
N GLU A 242 22.01 -17.83 18.07
CA GLU A 242 22.09 -16.48 18.61
C GLU A 242 20.73 -16.09 19.18
N ALA A 243 20.76 -15.54 20.40
CA ALA A 243 19.54 -15.14 21.07
C ALA A 243 19.62 -13.66 21.38
N ASN A 244 18.73 -12.88 20.79
CA ASN A 244 18.74 -11.43 20.95
C ASN A 244 17.48 -10.94 21.66
N ILE A 245 17.66 -10.15 22.72
CA ILE A 245 16.52 -9.49 23.33
C ILE A 245 16.30 -8.14 22.64
N GLN A 246 15.28 -8.09 21.80
CA GLN A 246 15.04 -6.95 20.92
C GLN A 246 13.86 -6.09 21.35
N HIS A 247 13.91 -4.82 20.96
CA HIS A 247 12.82 -3.87 21.20
C HIS A 247 12.94 -2.75 20.19
N GLY A 248 12.04 -2.72 19.22
CA GLY A 248 12.10 -1.74 18.15
C GLY A 248 13.45 -1.75 17.44
N GLN A 249 13.85 -2.93 16.98
CA GLN A 249 15.13 -3.12 16.30
C GLN A 249 16.34 -2.64 17.11
N GLN A 250 16.09 -2.27 18.36
CA GLN A 250 17.14 -2.04 19.32
C GLN A 250 17.47 -3.38 19.99
N VAL A 251 18.73 -3.81 19.89
CA VAL A 251 19.16 -5.03 20.56
C VAL A 251 19.57 -4.68 21.98
N LEU A 252 18.76 -5.08 22.95
CA LEU A 252 19.01 -4.76 24.35
C LEU A 252 20.14 -5.60 24.92
N CYS A 253 20.33 -6.79 24.35
CA CYS A 253 21.37 -7.71 24.78
C CYS A 253 21.44 -8.89 23.81
N GLN A 254 22.57 -9.60 23.81
CA GLN A 254 22.77 -10.69 22.85
C GLN A 254 23.69 -11.79 23.40
N ARG A 255 23.26 -13.04 23.27
CA ARG A 255 24.06 -14.18 23.67
C ARG A 255 24.04 -15.27 22.59
N ARG A 256 25.17 -15.95 22.42
CA ARG A 256 25.26 -17.03 21.44
C ARG A 256 25.71 -18.31 22.13
N THR A 257 25.34 -19.45 21.55
CA THR A 257 25.85 -20.74 22.02
C THR A 257 27.22 -20.96 21.39
N SER A 258 27.91 -21.99 21.83
CA SER A 258 29.17 -22.38 21.22
C SER A 258 28.87 -23.03 19.88
N PRO A 259 29.89 -23.13 19.01
CA PRO A 259 29.71 -23.84 17.74
C PRO A 259 29.53 -25.34 17.96
N LYS A 260 28.66 -25.95 17.17
CA LYS A 260 28.39 -27.38 17.24
C LYS A 260 28.20 -27.89 15.82
N PRO A 261 28.76 -29.06 15.51
CA PRO A 261 28.64 -29.62 14.17
C PRO A 261 27.18 -29.63 13.69
N PHE A 262 26.95 -29.15 12.48
CA PHE A 262 25.58 -29.00 11.96
C PHE A 262 24.98 -30.35 11.55
N THR A 263 24.39 -31.04 12.53
CA THR A 263 23.68 -32.30 12.27
C THR A 263 22.18 -32.09 12.38
N GLU A 264 21.41 -33.06 11.92
CA GLU A 264 19.95 -32.97 11.95
C GLU A 264 19.41 -32.79 13.37
N GLU A 265 20.21 -33.17 14.36
CA GLU A 265 19.88 -32.90 15.76
C GLU A 265 21.09 -32.33 16.48
N VAL A 266 20.95 -31.14 17.05
CA VAL A 266 22.04 -30.50 17.77
C VAL A 266 21.60 -30.10 19.18
N LEU A 267 22.20 -30.73 20.19
CA LEU A 267 21.83 -30.49 21.57
C LEU A 267 22.90 -29.69 22.31
N TRP A 268 22.49 -28.63 23.00
CA TRP A 268 23.39 -27.80 23.78
C TRP A 268 23.12 -27.96 25.27
N ASN A 269 21.85 -27.99 25.63
CA ASN A 269 21.43 -28.01 27.03
C ASN A 269 22.09 -26.92 27.88
N VAL A 270 22.21 -25.72 27.32
CA VAL A 270 22.95 -24.63 27.96
C VAL A 270 22.09 -23.42 28.34
N TRP A 271 22.29 -22.89 29.54
CA TRP A 271 21.64 -21.65 29.95
C TRP A 271 22.36 -20.43 29.38
N LEU A 272 21.60 -19.55 28.76
CA LEU A 272 22.11 -18.26 28.32
C LEU A 272 21.62 -17.20 29.29
N GLU A 273 22.54 -16.58 30.01
CA GLU A 273 22.19 -15.52 30.94
C GLU A 273 22.54 -14.15 30.36
N PHE A 274 21.55 -13.27 30.31
CA PHE A 274 21.73 -11.96 29.69
C PHE A 274 22.13 -10.89 30.70
N SER A 275 22.56 -9.74 30.19
CA SER A 275 23.00 -8.65 31.04
C SER A 275 21.81 -7.90 31.61
N ILE A 276 20.64 -8.15 31.04
CA ILE A 276 19.44 -7.45 31.46
C ILE A 276 18.71 -8.12 32.63
N LYS A 277 18.34 -7.32 33.62
CA LYS A 277 17.51 -7.77 34.73
C LYS A 277 16.08 -8.02 34.24
N ILE A 278 15.47 -9.08 34.77
CA ILE A 278 14.08 -9.41 34.44
C ILE A 278 13.13 -8.24 34.68
N LYS A 279 13.41 -7.46 35.72
CA LYS A 279 12.57 -6.32 36.06
C LYS A 279 12.73 -5.18 35.05
N ASP A 280 13.73 -5.30 34.17
CA ASP A 280 14.00 -4.26 33.18
C ASP A 280 13.38 -4.59 31.81
N LEU A 281 12.93 -5.82 31.63
CA LEU A 281 12.26 -6.18 30.37
C LEU A 281 11.09 -5.23 30.12
N PRO A 282 11.04 -4.63 28.93
CA PRO A 282 9.94 -3.78 28.48
C PRO A 282 8.84 -4.59 27.79
N LYS A 283 7.59 -4.31 28.11
CA LYS A 283 6.46 -4.84 27.38
C LYS A 283 6.70 -4.70 25.89
N GLY A 284 6.64 -5.83 25.18
CA GLY A 284 6.80 -5.81 23.73
C GLY A 284 8.19 -6.22 23.28
N ALA A 285 9.10 -6.42 24.22
CA ALA A 285 10.41 -6.95 23.90
C ALA A 285 10.27 -8.36 23.33
N LEU A 286 11.11 -8.70 22.36
CA LEU A 286 11.13 -10.02 21.75
C LEU A 286 12.35 -10.81 22.20
N LEU A 287 12.18 -12.11 22.41
CA LEU A 287 13.32 -13.00 22.36
C LEU A 287 13.47 -13.37 20.89
N ASN A 288 14.56 -12.91 20.29
CA ASN A 288 14.85 -13.18 18.89
C ASN A 288 15.82 -14.35 18.81
N LEU A 289 15.38 -15.44 18.18
CA LEU A 289 16.20 -16.64 18.12
C LEU A 289 16.66 -16.90 16.69
N GLN A 290 17.97 -16.88 16.48
CA GLN A 290 18.52 -17.05 15.14
C GLN A 290 19.60 -18.13 15.06
N ILE A 291 19.57 -18.93 13.99
CA ILE A 291 20.59 -19.95 13.75
C ILE A 291 21.54 -19.53 12.61
N TYR A 292 22.83 -19.56 12.91
CA TYR A 292 23.85 -19.19 11.92
C TYR A 292 24.74 -20.39 11.60
N CYS A 293 25.07 -20.56 10.32
CA CYS A 293 26.05 -21.56 9.90
C CYS A 293 27.43 -20.92 9.72
N GLY A 294 28.39 -21.74 9.28
CA GLY A 294 29.75 -21.27 9.08
C GLY A 294 30.77 -22.40 9.09
N GLN A 317 26.53 -17.09 8.33
CA GLN A 317 25.34 -16.79 7.54
C GLN A 317 24.06 -17.17 8.29
N LEU A 318 23.04 -16.32 8.20
CA LEU A 318 21.76 -16.56 8.85
C LEU A 318 20.85 -17.47 8.02
N LEU A 319 20.35 -18.54 8.63
CA LEU A 319 19.52 -19.50 7.91
C LEU A 319 18.09 -19.64 8.46
N TYR A 320 17.94 -19.46 9.76
CA TYR A 320 16.62 -19.60 10.40
C TYR A 320 16.41 -18.57 11.49
N TYR A 321 15.15 -18.23 11.74
CA TYR A 321 14.80 -17.29 12.80
C TYR A 321 13.38 -17.53 13.29
N VAL A 322 13.14 -17.22 14.55
CA VAL A 322 11.80 -17.26 15.12
C VAL A 322 11.79 -16.28 16.30
N ASN A 323 10.61 -15.74 16.60
CA ASN A 323 10.50 -14.78 17.70
C ASN A 323 9.51 -15.21 18.74
N LEU A 324 9.78 -14.83 19.98
CA LEU A 324 8.90 -15.14 21.09
C LEU A 324 8.77 -13.88 21.93
N LEU A 325 7.54 -13.48 22.23
CA LEU A 325 7.32 -12.32 23.07
C LEU A 325 7.65 -12.64 24.52
N LEU A 326 8.45 -11.79 25.15
CA LEU A 326 8.86 -12.04 26.53
C LEU A 326 7.75 -11.71 27.52
N ILE A 327 7.10 -10.55 27.32
CA ILE A 327 5.89 -10.23 28.06
C ILE A 327 4.71 -10.56 27.16
N ASP A 328 3.70 -11.26 27.70
CA ASP A 328 2.58 -11.69 26.88
C ASP A 328 1.43 -10.68 26.93
N HIS A 329 0.34 -11.03 26.27
CA HIS A 329 -0.78 -10.11 26.08
C HIS A 329 -1.51 -9.74 27.37
N ARG A 330 -1.31 -10.54 28.42
CA ARG A 330 -1.88 -10.26 29.73
C ARG A 330 -0.89 -9.64 30.71
N PHE A 331 0.22 -9.13 30.18
CA PHE A 331 1.29 -8.55 31.00
C PHE A 331 2.01 -9.59 31.86
N LEU A 332 2.15 -10.80 31.33
CA LEU A 332 2.79 -11.89 32.07
C LEU A 332 4.12 -12.30 31.46
N LEU A 333 5.11 -12.53 32.30
CA LEU A 333 6.41 -12.99 31.84
C LEU A 333 6.29 -14.37 31.20
N ARG A 334 6.78 -14.51 29.98
CA ARG A 334 6.72 -15.81 29.31
C ARG A 334 7.37 -16.86 30.21
N ARG A 335 6.72 -18.01 30.33
CA ARG A 335 7.16 -19.05 31.26
C ARG A 335 7.01 -20.43 30.65
N GLY A 336 8.07 -21.23 30.73
CA GLY A 336 7.95 -22.63 30.37
C GLY A 336 8.70 -23.13 29.14
N GLU A 337 8.31 -24.34 28.72
CA GLU A 337 8.96 -25.10 27.65
C GLU A 337 8.40 -24.75 26.28
N TYR A 338 9.29 -24.45 25.35
CA TYR A 338 8.85 -24.12 24.00
C TYR A 338 9.56 -24.91 22.94
N VAL A 339 8.79 -25.38 21.96
CA VAL A 339 9.33 -25.98 20.76
C VAL A 339 8.82 -25.12 19.61
N LEU A 340 9.70 -24.30 19.06
CA LEU A 340 9.31 -23.30 18.08
C LEU A 340 9.77 -23.64 16.68
N HIS A 341 8.82 -23.88 15.79
CA HIS A 341 9.14 -24.07 14.38
C HIS A 341 9.49 -22.76 13.70
N MET A 342 10.68 -22.71 13.13
CA MET A 342 11.28 -21.46 12.66
C MET A 342 11.04 -21.21 11.19
N TRP A 343 11.37 -20.00 10.77
CA TRP A 343 11.28 -19.59 9.38
C TRP A 343 12.64 -19.71 8.73
N GLN A 344 12.67 -20.13 7.48
CA GLN A 344 13.93 -20.25 6.75
C GLN A 344 14.23 -18.96 5.98
N ILE A 345 15.51 -18.65 5.83
CA ILE A 345 15.94 -17.52 5.02
C ILE A 345 15.94 -17.87 3.54
N PHE A 355 16.18 -5.78 6.54
CA PHE A 355 15.05 -5.09 7.18
C PHE A 355 13.69 -5.59 6.68
N ASN A 356 13.62 -6.85 6.29
CA ASN A 356 12.36 -7.48 5.92
C ASN A 356 11.45 -7.59 7.14
N ALA A 357 10.21 -7.13 7.01
CA ALA A 357 9.29 -7.12 8.15
C ALA A 357 8.89 -8.52 8.60
N ASP A 358 9.01 -9.48 7.69
CA ASP A 358 8.75 -10.89 8.03
C ASP A 358 9.59 -11.33 9.23
N LYS A 359 10.83 -10.85 9.26
CA LYS A 359 11.77 -11.16 10.34
C LYS A 359 11.25 -10.83 11.74
N LEU A 360 10.21 -10.00 11.83
CA LEU A 360 9.72 -9.52 13.12
C LEU A 360 8.61 -10.38 13.69
N THR A 361 7.98 -11.18 12.83
CA THR A 361 6.75 -11.87 13.21
C THR A 361 6.94 -12.73 14.47
N SER A 362 5.89 -12.79 15.30
CA SER A 362 5.89 -13.64 16.47
C SER A 362 5.14 -14.92 16.12
N ALA A 363 4.67 -15.01 14.89
CA ALA A 363 4.03 -16.23 14.41
C ALA A 363 5.09 -17.28 14.12
N THR A 364 4.74 -18.55 14.33
CA THR A 364 5.64 -19.67 14.04
C THR A 364 5.27 -20.35 12.73
N ASN A 365 6.26 -21.01 12.11
CA ASN A 365 6.05 -21.73 10.87
C ASN A 365 4.97 -22.81 10.98
N PRO A 366 4.00 -22.82 10.05
CA PRO A 366 2.93 -23.82 10.06
C PRO A 366 3.41 -25.22 9.63
N ASP A 367 4.39 -25.26 8.73
CA ASP A 367 4.91 -26.52 8.21
C ASP A 367 5.76 -27.24 9.24
N LYS A 368 5.12 -28.02 10.11
CA LYS A 368 5.80 -28.67 11.20
C LYS A 368 6.69 -29.85 10.78
N GLU A 369 6.42 -30.42 9.60
CA GLU A 369 7.12 -31.63 9.17
C GLU A 369 8.46 -31.35 8.47
N ASN A 370 8.65 -30.13 7.98
CA ASN A 370 9.89 -29.79 7.29
C ASN A 370 10.72 -28.74 8.02
N SER A 371 10.05 -27.83 8.72
CA SER A 371 10.73 -26.66 9.26
C SER A 371 11.70 -27.00 10.39
N MET A 372 12.76 -26.20 10.46
CA MET A 372 13.70 -26.23 11.57
C MET A 372 12.97 -25.90 12.88
N SER A 373 13.27 -26.67 13.92
CA SER A 373 12.62 -26.54 15.22
C SER A 373 13.63 -26.17 16.31
N ILE A 374 13.27 -25.23 17.18
CA ILE A 374 14.12 -24.90 18.34
C ILE A 374 13.40 -25.17 19.67
N SER A 375 14.10 -25.78 20.61
CA SER A 375 13.54 -26.09 21.91
C SER A 375 14.18 -25.25 23.01
N ILE A 376 13.36 -24.57 23.80
CA ILE A 376 13.86 -23.71 24.84
C ILE A 376 13.03 -23.85 26.09
N LEU A 377 13.63 -23.47 27.22
CA LEU A 377 12.93 -23.41 28.48
C LEU A 377 13.19 -22.05 29.13
N LEU A 378 12.20 -21.52 29.82
CA LEU A 378 12.38 -20.24 30.51
C LEU A 378 12.68 -20.38 32.01
N ASP A 379 11.64 -20.48 32.85
CA ASP A 379 11.87 -20.60 34.30
C ASP A 379 10.90 -21.55 34.97
N ILE A 385 5.07 -13.92 37.23
CA ILE A 385 5.54 -12.54 37.35
C ILE A 385 4.80 -11.61 36.39
N ALA A 386 4.13 -10.61 36.93
CA ALA A 386 3.33 -9.67 36.12
C ALA A 386 3.91 -8.26 36.11
N LEU A 387 3.97 -7.65 34.92
CA LEU A 387 4.37 -6.26 34.76
C LEU A 387 3.22 -5.32 35.12
N PRO A 388 3.47 -4.36 36.02
CA PRO A 388 2.46 -3.35 36.36
C PRO A 388 2.38 -2.26 35.30
N LYS A 389 1.40 -1.37 35.40
CA LYS A 389 1.21 -0.32 34.41
C LYS A 389 1.67 1.05 34.95
N ALA A 403 16.61 25.69 33.71
CA ALA A 403 17.69 26.60 33.29
C ALA A 403 17.69 26.77 31.77
N GLU A 404 17.94 27.99 31.31
CA GLU A 404 17.87 28.32 29.90
C GLU A 404 18.92 27.57 29.07
N MET A 405 18.49 26.95 27.98
CA MET A 405 19.41 26.22 27.11
C MET A 405 20.49 27.15 26.59
N PRO A 406 21.77 26.74 26.70
CA PRO A 406 22.82 27.51 26.04
C PRO A 406 22.53 27.51 24.54
N ASN A 407 22.75 28.66 23.91
CA ASN A 407 22.40 28.84 22.52
C ASN A 407 22.96 27.76 21.59
N GLN A 408 24.20 27.33 21.84
CA GLN A 408 24.84 26.35 20.99
C GLN A 408 24.16 24.98 21.08
N LEU A 409 23.60 24.68 22.24
CA LEU A 409 22.92 23.40 22.43
C LEU A 409 21.56 23.40 21.74
N ARG A 410 20.85 24.53 21.86
CA ARG A 410 19.55 24.65 21.23
C ARG A 410 19.70 24.51 19.72
N LYS A 411 20.70 25.19 19.16
CA LYS A 411 21.02 25.03 17.74
C LYS A 411 21.27 23.56 17.41
N GLN A 412 22.05 22.90 18.24
CA GLN A 412 22.44 21.53 17.98
C GLN A 412 21.20 20.64 18.00
N LEU A 413 20.36 20.84 19.02
CA LEU A 413 19.10 20.11 19.15
C LEU A 413 18.23 20.33 17.92
N GLU A 414 18.13 21.59 17.49
CA GLU A 414 17.32 21.94 16.33
C GLU A 414 17.87 21.35 15.02
N ALA A 415 19.19 21.32 14.88
CA ALA A 415 19.81 20.67 13.72
C ALA A 415 19.55 19.16 13.73
N ILE A 416 19.52 18.56 14.92
CA ILE A 416 19.15 17.14 15.04
C ILE A 416 17.69 16.91 14.63
N ILE A 417 16.79 17.68 15.24
CA ILE A 417 15.36 17.54 14.98
C ILE A 417 15.02 17.75 13.51
N ALA A 418 15.86 18.51 12.81
CA ALA A 418 15.57 18.88 11.42
C ALA A 418 16.00 17.85 10.38
N THR A 419 16.84 16.90 10.78
CA THR A 419 17.35 15.90 9.84
C THR A 419 16.26 14.93 9.40
N ASP A 420 16.51 14.20 8.31
CA ASP A 420 15.51 13.29 7.75
C ASP A 420 15.31 12.07 8.64
N PRO A 421 14.16 11.39 8.49
CA PRO A 421 13.78 10.22 9.29
C PRO A 421 14.78 9.07 9.18
N LEU A 422 15.56 9.02 8.10
CA LEU A 422 16.55 7.97 7.94
C LEU A 422 17.95 8.41 8.36
N ASN A 423 18.07 9.68 8.75
CA ASN A 423 19.33 10.17 9.27
C ASN A 423 19.67 9.50 10.59
N PRO A 424 20.88 8.91 10.68
CA PRO A 424 21.21 8.18 11.90
C PRO A 424 21.47 9.12 13.08
N LEU A 425 21.06 8.69 14.27
CA LEU A 425 21.39 9.38 15.51
C LEU A 425 22.63 8.75 16.12
N THR A 426 23.62 9.58 16.42
CA THR A 426 24.78 9.12 17.18
C THR A 426 24.40 9.02 18.65
N ALA A 427 25.25 8.36 19.42
CA ALA A 427 25.08 8.27 20.87
C ALA A 427 24.97 9.66 21.49
N GLU A 428 25.76 10.60 20.95
CA GLU A 428 25.75 11.98 21.43
C GLU A 428 24.42 12.67 21.18
N ASP A 429 23.84 12.44 20.01
CA ASP A 429 22.57 13.04 19.66
C ASP A 429 21.49 12.55 20.62
N LYS A 430 21.49 11.26 20.88
CA LYS A 430 20.47 10.67 21.76
C LYS A 430 20.57 11.16 23.19
N GLU A 431 21.80 11.32 23.69
CA GLU A 431 22.00 11.81 25.04
C GLU A 431 21.52 13.26 25.15
N LEU A 432 21.82 14.07 24.13
CA LEU A 432 21.33 15.44 24.09
C LEU A 432 19.80 15.47 24.11
N LEU A 433 19.20 14.71 23.21
CA LEU A 433 17.73 14.56 23.15
C LEU A 433 17.14 14.20 24.50
N TRP A 434 17.68 13.16 25.13
CA TRP A 434 17.13 12.68 26.38
C TRP A 434 17.35 13.70 27.51
N HIS A 435 18.57 14.18 27.65
CA HIS A 435 18.86 15.19 28.64
C HIS A 435 17.89 16.38 28.53
N PHE A 436 17.62 16.80 27.29
CA PHE A 436 16.72 17.93 27.08
C PHE A 436 15.34 17.49 26.58
N ARG A 437 14.82 16.41 27.18
CA ARG A 437 13.59 15.81 26.70
C ARG A 437 12.39 16.75 26.83
N TYR A 438 12.33 17.50 27.92
CA TYR A 438 11.20 18.41 28.14
C TYR A 438 11.15 19.55 27.12
N GLU A 439 12.30 20.00 26.67
CA GLU A 439 12.38 21.00 25.60
C GLU A 439 12.05 20.35 24.25
N SER A 440 12.51 19.11 24.06
CA SER A 440 12.25 18.37 22.84
C SER A 440 10.77 18.08 22.71
N LEU A 441 10.12 17.86 23.84
CA LEU A 441 8.71 17.53 23.87
C LEU A 441 7.87 18.67 23.31
N LYS A 442 8.46 19.85 23.21
CA LYS A 442 7.74 21.01 22.71
C LYS A 442 7.68 21.00 21.18
N HIS A 443 8.50 20.15 20.56
CA HIS A 443 8.52 20.03 19.11
C HIS A 443 8.01 18.68 18.63
N PRO A 444 6.75 18.66 18.17
CA PRO A 444 6.15 17.43 17.62
C PRO A 444 7.11 16.70 16.68
N LYS A 445 7.88 17.43 15.89
CA LYS A 445 8.80 16.79 14.95
C LYS A 445 9.98 16.07 15.61
N ALA A 446 10.27 16.40 16.87
CA ALA A 446 11.34 15.73 17.61
C ALA A 446 10.92 14.36 18.12
N TYR A 447 9.61 14.12 18.14
CA TYR A 447 9.07 12.96 18.82
C TYR A 447 9.67 11.61 18.42
N PRO A 448 9.76 11.33 17.10
CA PRO A 448 10.34 10.06 16.66
C PRO A 448 11.78 9.90 17.11
N LYS A 449 12.60 10.92 16.89
CA LYS A 449 14.01 10.87 17.30
C LYS A 449 14.14 10.84 18.82
N LEU A 450 13.34 11.65 19.51
CA LEU A 450 13.35 11.69 20.97
C LEU A 450 13.03 10.31 21.56
N PHE A 451 12.00 9.66 21.04
CA PHE A 451 11.62 8.33 21.53
C PHE A 451 12.55 7.23 21.03
N SER A 452 13.40 7.58 20.08
CA SER A 452 14.51 6.74 19.69
C SER A 452 15.71 6.92 20.64
N SER A 453 15.65 7.92 21.51
CA SER A 453 16.75 8.21 22.43
C SER A 453 16.55 7.53 23.78
N VAL A 454 15.45 6.80 23.88
CA VAL A 454 15.06 6.13 25.11
C VAL A 454 15.75 4.80 25.30
N LYS A 455 16.29 4.58 26.50
CA LYS A 455 16.83 3.28 26.85
C LYS A 455 15.69 2.38 27.33
N TRP A 456 15.09 1.67 26.39
CA TRP A 456 13.92 0.85 26.66
C TRP A 456 14.21 -0.34 27.57
N GLY A 457 15.49 -0.66 27.72
CA GLY A 457 15.91 -1.74 28.59
C GLY A 457 16.11 -1.34 30.04
N GLN A 458 15.71 -0.12 30.40
CA GLN A 458 15.76 0.32 31.78
C GLN A 458 14.39 0.78 32.29
N GLN A 459 13.89 0.07 33.30
CA GLN A 459 12.57 0.33 33.83
C GLN A 459 12.39 1.78 34.27
N GLU A 460 13.44 2.37 34.81
CA GLU A 460 13.37 3.73 35.33
C GLU A 460 13.28 4.75 34.19
N ILE A 461 14.01 4.47 33.11
CA ILE A 461 13.93 5.30 31.91
C ILE A 461 12.53 5.24 31.30
N VAL A 462 12.01 4.03 31.12
CA VAL A 462 10.67 3.87 30.58
C VAL A 462 9.65 4.61 31.43
N ALA A 463 9.80 4.52 32.75
CA ALA A 463 8.90 5.20 33.67
C ALA A 463 8.94 6.71 33.43
N LYS A 464 10.14 7.25 33.25
CA LYS A 464 10.29 8.68 32.98
C LYS A 464 9.69 9.04 31.63
N THR A 465 9.81 8.10 30.69
CA THR A 465 9.29 8.30 29.35
C THR A 465 7.76 8.36 29.37
N TYR A 466 7.15 7.53 30.20
CA TYR A 466 5.69 7.61 30.39
C TYR A 466 5.31 8.92 31.06
N GLN A 467 6.19 9.44 31.91
CA GLN A 467 5.96 10.75 32.52
C GLN A 467 5.98 11.82 31.44
N LEU A 468 6.88 11.67 30.47
CA LEU A 468 6.86 12.52 29.27
C LEU A 468 5.51 12.45 28.55
N LEU A 469 5.08 11.24 28.23
CA LEU A 469 3.84 11.03 27.47
C LEU A 469 2.61 11.59 28.19
N ALA A 470 2.67 11.63 29.51
CA ALA A 470 1.57 12.16 30.31
C ALA A 470 1.51 13.68 30.17
N ARG A 471 2.62 14.25 29.70
CA ARG A 471 2.70 15.68 29.47
C ARG A 471 2.57 15.96 27.97
N ARG A 472 1.53 15.41 27.36
CA ARG A 472 1.29 15.57 25.93
C ARG A 472 0.14 16.52 25.63
N GLU A 473 0.44 17.81 25.61
CA GLU A 473 -0.55 18.80 25.21
C GLU A 473 -0.21 19.35 23.83
N VAL A 474 1.06 19.69 23.62
CA VAL A 474 1.49 20.22 22.33
C VAL A 474 1.33 19.19 21.22
N TRP A 475 1.44 17.93 21.58
CA TRP A 475 1.26 16.87 20.61
C TRP A 475 -0.21 16.79 20.21
N ASP A 476 -1.08 16.89 21.22
CA ASP A 476 -2.52 16.73 21.02
C ASP A 476 -3.15 17.98 20.39
N GLN A 477 -2.45 19.09 20.49
CA GLN A 477 -2.92 20.35 19.91
C GLN A 477 -2.34 20.60 18.52
N SER A 478 -1.29 19.85 18.17
CA SER A 478 -0.64 20.02 16.89
C SER A 478 -1.52 19.52 15.76
N ALA A 479 -1.37 20.13 14.59
CA ALA A 479 -2.12 19.71 13.41
C ALA A 479 -1.63 18.35 12.94
N LEU A 480 -2.57 17.50 12.52
CA LEU A 480 -2.23 16.19 11.97
C LEU A 480 -1.14 16.29 10.91
N ASP A 481 -0.06 15.54 11.13
CA ASP A 481 1.03 15.43 10.17
C ASP A 481 1.26 13.94 9.93
N VAL A 482 0.74 13.41 8.84
CA VAL A 482 0.72 11.98 8.61
C VAL A 482 2.13 11.37 8.54
N GLY A 483 3.04 12.08 7.88
CA GLY A 483 4.42 11.64 7.80
C GLY A 483 5.01 11.40 9.18
N LEU A 484 4.79 12.36 10.07
CA LEU A 484 5.29 12.29 11.43
C LEU A 484 4.63 11.14 12.19
N THR A 485 3.31 11.04 12.09
CA THR A 485 2.59 9.95 12.72
C THR A 485 3.05 8.57 12.24
N MET A 486 3.25 8.42 10.94
CA MET A 486 3.68 7.15 10.36
C MET A 486 5.02 6.68 10.93
N GLN A 487 5.90 7.63 11.22
CA GLN A 487 7.23 7.30 11.75
C GLN A 487 7.13 6.61 13.11
N LEU A 488 6.04 6.86 13.84
CA LEU A 488 5.84 6.24 15.13
C LEU A 488 5.23 4.84 14.99
N LEU A 489 4.76 4.51 13.78
CA LEU A 489 4.14 3.22 13.53
C LEU A 489 5.04 2.27 12.73
N ASP A 490 6.31 2.66 12.54
CA ASP A 490 7.23 1.82 11.79
C ASP A 490 7.96 0.84 12.69
N CYS A 491 9.03 0.23 12.17
CA CYS A 491 9.73 -0.85 12.87
C CYS A 491 10.60 -0.38 14.04
N ASN A 492 10.77 0.94 14.18
CA ASN A 492 11.64 1.46 15.24
C ASN A 492 10.97 1.61 16.60
N PHE A 493 9.65 1.40 16.64
CA PHE A 493 8.92 1.62 17.89
C PHE A 493 8.08 0.42 18.30
N SER A 494 8.41 -0.17 19.45
CA SER A 494 7.69 -1.33 19.97
C SER A 494 6.83 -0.97 21.16
N ASP A 495 7.01 0.23 21.70
CA ASP A 495 6.21 0.62 22.86
C ASP A 495 4.81 1.05 22.44
N GLU A 496 3.80 0.41 23.02
CA GLU A 496 2.43 0.62 22.56
C GLU A 496 1.84 1.96 22.99
N ASN A 497 2.35 2.53 24.08
CA ASN A 497 1.94 3.87 24.47
C ASN A 497 2.41 4.93 23.46
N VAL A 498 3.62 4.77 22.95
CA VAL A 498 4.13 5.65 21.90
C VAL A 498 3.34 5.47 20.61
N ARG A 499 3.09 4.23 20.23
CA ARG A 499 2.43 3.94 18.97
C ARG A 499 0.99 4.39 19.04
N ALA A 500 0.44 4.36 20.25
CA ALA A 500 -0.95 4.73 20.48
C ALA A 500 -1.20 6.22 20.29
N ILE A 501 -0.23 7.06 20.64
CA ILE A 501 -0.39 8.50 20.43
C ILE A 501 -0.34 8.84 18.94
N ALA A 502 0.27 7.97 18.14
CA ALA A 502 0.26 8.14 16.69
C ALA A 502 -1.14 7.84 16.14
N VAL A 503 -1.72 6.72 16.57
CA VAL A 503 -3.04 6.32 16.10
C VAL A 503 -4.08 7.36 16.52
N GLN A 504 -3.94 7.86 17.73
CA GLN A 504 -4.78 8.94 18.25
C GLN A 504 -4.82 10.13 17.28
N LYS A 505 -3.68 10.42 16.66
CA LYS A 505 -3.62 11.48 15.65
C LYS A 505 -4.35 11.09 14.37
N LEU A 506 -4.31 9.80 14.03
CA LEU A 506 -4.96 9.30 12.82
C LEU A 506 -6.48 9.42 12.94
N GLU A 507 -6.97 9.46 14.18
CA GLU A 507 -8.40 9.56 14.46
C GLU A 507 -9.09 10.71 13.73
N SER A 508 -8.37 11.81 13.52
CA SER A 508 -8.97 13.01 12.96
C SER A 508 -8.94 13.01 11.43
N LEU A 509 -8.39 11.96 10.84
CA LEU A 509 -8.43 11.81 9.38
C LEU A 509 -9.86 11.67 8.90
N GLU A 510 -10.18 12.30 7.77
CA GLU A 510 -11.49 12.14 7.17
C GLU A 510 -11.42 10.95 6.22
N ASP A 511 -12.56 10.38 5.89
CA ASP A 511 -12.60 9.17 5.05
C ASP A 511 -11.66 9.20 3.86
N ASP A 512 -11.68 10.31 3.12
CA ASP A 512 -10.92 10.38 1.89
C ASP A 512 -9.42 10.18 2.13
N ASP A 513 -8.96 10.68 3.28
CA ASP A 513 -7.55 10.59 3.61
C ASP A 513 -7.18 9.20 4.13
N VAL A 514 -8.12 8.55 4.79
CA VAL A 514 -7.90 7.18 5.23
C VAL A 514 -7.72 6.26 4.02
N LEU A 515 -8.43 6.57 2.94
CA LEU A 515 -8.27 5.85 1.68
C LEU A 515 -6.86 6.04 1.13
N HIS A 516 -6.43 7.29 1.02
CA HIS A 516 -5.07 7.58 0.57
C HIS A 516 -3.99 6.72 1.25
N TYR A 517 -4.18 6.45 2.54
CA TYR A 517 -3.12 5.85 3.34
C TYR A 517 -3.44 4.41 3.79
N LEU A 518 -4.55 3.86 3.33
CA LEU A 518 -5.05 2.59 3.88
C LEU A 518 -4.09 1.42 3.66
N LEU A 519 -3.62 1.26 2.44
CA LEU A 519 -2.71 0.18 2.10
C LEU A 519 -1.53 0.12 3.07
N GLN A 520 -0.85 1.25 3.28
CA GLN A 520 0.34 1.23 4.13
C GLN A 520 0.02 1.20 5.63
N LEU A 521 -1.16 1.69 6.00
CA LEU A 521 -1.65 1.52 7.36
C LEU A 521 -1.87 0.03 7.68
N VAL A 522 -2.45 -0.70 6.74
CA VAL A 522 -2.63 -2.13 6.90
C VAL A 522 -1.29 -2.84 6.97
N GLN A 523 -0.38 -2.48 6.07
CA GLN A 523 0.97 -3.04 6.11
C GLN A 523 1.66 -2.76 7.46
N ALA A 524 1.34 -1.62 8.07
CA ALA A 524 2.02 -1.21 9.28
C ALA A 524 1.62 -2.06 10.47
N VAL A 525 0.55 -2.85 10.28
CA VAL A 525 0.13 -3.79 11.31
C VAL A 525 1.24 -4.82 11.54
N LYS A 526 2.05 -5.03 10.52
CA LYS A 526 3.18 -5.95 10.64
C LYS A 526 4.23 -5.49 11.67
N PHE A 527 4.18 -4.22 12.07
CA PHE A 527 5.14 -3.68 13.02
C PHE A 527 4.59 -3.68 14.45
N GLU A 528 3.40 -4.23 14.61
CA GLU A 528 2.77 -4.28 15.93
C GLU A 528 3.29 -5.49 16.70
N PRO A 529 3.75 -5.25 17.94
CA PRO A 529 4.20 -6.35 18.79
C PRO A 529 3.06 -7.32 19.06
N TYR A 530 1.86 -6.78 19.24
CA TYR A 530 0.71 -7.58 19.63
C TYR A 530 -0.38 -7.60 18.56
N HIS A 531 -1.12 -8.70 18.51
CA HIS A 531 -2.17 -8.87 17.51
C HIS A 531 -3.28 -7.85 17.72
N ASP A 532 -3.69 -7.69 18.97
CA ASP A 532 -4.62 -6.62 19.36
C ASP A 532 -3.82 -5.33 19.60
N SER A 533 -4.07 -4.32 18.78
CA SER A 533 -3.40 -3.04 18.92
C SER A 533 -4.35 -1.88 18.61
N ALA A 534 -3.99 -0.68 19.05
CA ALA A 534 -4.75 0.53 18.71
C ALA A 534 -4.91 0.66 17.19
N LEU A 535 -3.82 0.46 16.45
CA LEU A 535 -3.84 0.57 15.00
C LEU A 535 -4.83 -0.41 14.36
N ALA A 536 -4.80 -1.65 14.80
CA ALA A 536 -5.69 -2.67 14.24
C ALA A 536 -7.15 -2.26 14.47
N ARG A 537 -7.47 -1.86 15.70
CA ARG A 537 -8.81 -1.41 16.00
C ARG A 537 -9.20 -0.17 15.20
N PHE A 538 -8.24 0.71 14.94
CA PHE A 538 -8.51 1.90 14.15
C PHE A 538 -8.97 1.50 12.75
N LEU A 539 -8.17 0.70 12.08
CA LEU A 539 -8.52 0.14 10.78
C LEU A 539 -9.89 -0.54 10.80
N LEU A 540 -10.12 -1.35 11.83
CA LEU A 540 -11.40 -2.05 11.99
C LEU A 540 -12.56 -1.07 12.06
N LYS A 541 -12.41 -0.05 12.89
CA LYS A 541 -13.44 0.95 13.13
C LYS A 541 -13.74 1.76 11.87
N ARG A 542 -12.68 2.21 11.19
CA ARG A 542 -12.85 3.07 10.02
C ARG A 542 -13.41 2.29 8.84
N GLY A 543 -13.15 0.99 8.82
CA GLY A 543 -13.71 0.12 7.81
C GLY A 543 -15.19 -0.12 7.99
N LEU A 544 -15.61 -0.23 9.25
CA LEU A 544 -17.01 -0.47 9.57
C LEU A 544 -17.84 0.81 9.47
N ARG A 545 -17.15 1.95 9.39
CA ARG A 545 -17.84 3.23 9.33
C ARG A 545 -18.16 3.63 7.88
N ASN A 546 -17.33 3.18 6.94
CA ASN A 546 -17.43 3.59 5.55
C ASN A 546 -17.27 2.40 4.60
N LYS A 547 -18.31 2.09 3.84
CA LYS A 547 -18.27 0.95 2.91
C LYS A 547 -17.07 0.98 1.96
N ARG A 548 -16.75 2.16 1.43
CA ARG A 548 -15.61 2.27 0.50
C ARG A 548 -14.32 1.87 1.20
N ILE A 549 -14.12 2.36 2.41
CA ILE A 549 -12.97 1.97 3.19
C ILE A 549 -13.00 0.47 3.52
N GLY A 550 -14.19 -0.05 3.86
CA GLY A 550 -14.33 -1.45 4.22
C GLY A 550 -14.00 -2.39 3.07
N HIS A 551 -14.42 -2.02 1.88
CA HIS A 551 -14.18 -2.82 0.69
C HIS A 551 -12.68 -3.02 0.47
N PHE A 552 -11.93 -1.93 0.43
CA PHE A 552 -10.50 -2.03 0.23
C PHE A 552 -9.78 -2.71 1.40
N LEU A 553 -10.31 -2.51 2.61
CA LEU A 553 -9.77 -3.18 3.79
C LEU A 553 -9.86 -4.69 3.65
N PHE A 554 -11.05 -5.19 3.31
CA PHE A 554 -11.25 -6.61 3.04
C PHE A 554 -10.20 -7.17 2.07
N TRP A 555 -10.05 -6.51 0.92
CA TRP A 555 -9.10 -6.94 -0.10
C TRP A 555 -7.62 -6.74 0.28
N PHE A 556 -7.31 -5.64 0.95
CA PHE A 556 -5.94 -5.45 1.43
C PHE A 556 -5.58 -6.57 2.43
N LEU A 557 -6.48 -6.84 3.37
CA LEU A 557 -6.29 -7.91 4.35
C LEU A 557 -6.23 -9.28 3.68
N ARG A 558 -7.29 -9.63 2.96
CA ARG A 558 -7.36 -10.92 2.28
C ARG A 558 -6.14 -11.21 1.41
N SER A 559 -5.61 -10.18 0.76
CA SER A 559 -4.40 -10.30 -0.05
C SER A 559 -3.21 -10.83 0.76
N GLU A 560 -3.05 -10.33 1.98
CA GLU A 560 -1.95 -10.72 2.84
C GLU A 560 -2.19 -12.09 3.48
N ILE A 561 -3.45 -12.36 3.79
CA ILE A 561 -3.83 -13.64 4.39
C ILE A 561 -3.51 -14.81 3.45
N ALA A 562 -3.48 -14.54 2.15
CA ALA A 562 -3.34 -15.60 1.14
C ALA A 562 -1.90 -15.85 0.68
N GLN A 563 -0.98 -14.95 0.98
CA GLN A 563 0.42 -15.19 0.59
C GLN A 563 1.44 -14.87 1.68
N SER A 564 0.95 -14.67 2.90
CA SER A 564 1.84 -14.40 4.02
C SER A 564 1.55 -15.30 5.21
N ARG A 565 2.30 -16.40 5.33
CA ARG A 565 2.19 -17.27 6.50
C ARG A 565 2.63 -16.51 7.75
N HIS A 566 3.58 -15.60 7.57
CA HIS A 566 4.11 -14.78 8.67
C HIS A 566 3.06 -13.96 9.42
N TYR A 567 1.99 -13.56 8.74
CA TYR A 567 1.04 -12.63 9.34
C TYR A 567 -0.42 -12.98 9.12
N GLN A 568 -0.65 -14.06 8.38
CA GLN A 568 -2.02 -14.42 8.00
C GLN A 568 -2.90 -14.59 9.22
N GLN A 569 -2.35 -15.15 10.30
CA GLN A 569 -3.14 -15.38 11.51
C GLN A 569 -3.65 -14.07 12.08
N ARG A 570 -2.74 -13.10 12.22
CA ARG A 570 -3.08 -11.79 12.75
C ARG A 570 -4.10 -11.11 11.85
N PHE A 571 -3.77 -10.99 10.56
CA PHE A 571 -4.68 -10.37 9.60
C PHE A 571 -6.06 -11.04 9.54
N ALA A 572 -6.10 -12.37 9.64
CA ALA A 572 -7.36 -13.10 9.49
C ALA A 572 -8.30 -12.80 10.66
N VAL A 573 -7.71 -12.67 11.84
CA VAL A 573 -8.45 -12.26 13.01
C VAL A 573 -9.05 -10.86 12.84
N ILE A 574 -8.29 -9.96 12.23
CA ILE A 574 -8.78 -8.60 11.97
C ILE A 574 -9.89 -8.59 10.92
N LEU A 575 -9.76 -9.43 9.88
CA LEU A 575 -10.75 -9.47 8.81
C LEU A 575 -12.08 -10.04 9.30
N GLU A 576 -12.03 -11.00 10.21
CA GLU A 576 -13.24 -11.62 10.74
C GLU A 576 -14.06 -10.60 11.53
N ALA A 577 -13.39 -9.88 12.42
CA ALA A 577 -14.04 -8.81 13.18
C ALA A 577 -14.74 -7.84 12.23
N TYR A 578 -14.09 -7.54 11.11
CA TYR A 578 -14.69 -6.63 10.12
C TYR A 578 -15.92 -7.24 9.43
N LEU A 579 -15.79 -8.49 9.00
CA LEU A 579 -16.88 -9.16 8.27
C LEU A 579 -18.11 -9.38 9.16
N ARG A 580 -17.91 -9.33 10.47
CA ARG A 580 -19.01 -9.53 11.41
C ARG A 580 -19.78 -8.25 11.71
N GLY A 581 -19.42 -7.16 11.04
CA GLY A 581 -20.08 -5.89 11.26
C GLY A 581 -20.38 -5.10 9.99
N CYS A 582 -19.78 -5.50 8.87
CA CYS A 582 -19.99 -4.80 7.61
C CYS A 582 -21.42 -4.94 7.07
N GLY A 583 -22.13 -5.97 7.55
CA GLY A 583 -23.52 -6.17 7.16
C GLY A 583 -23.77 -7.14 6.01
N THR A 584 -24.98 -7.67 5.97
CA THR A 584 -25.34 -8.72 5.01
C THR A 584 -25.05 -8.36 3.55
N ALA A 585 -25.50 -7.19 3.12
CA ALA A 585 -25.33 -6.78 1.72
C ALA A 585 -23.87 -6.84 1.28
N MET A 586 -22.96 -6.35 2.12
CA MET A 586 -21.54 -6.41 1.82
C MET A 586 -21.02 -7.84 1.83
N LEU A 587 -21.40 -8.60 2.86
CA LEU A 587 -21.08 -10.03 2.93
C LEU A 587 -21.37 -10.72 1.61
N HIS A 588 -22.57 -10.51 1.08
CA HIS A 588 -22.97 -11.15 -0.16
C HIS A 588 -22.11 -10.68 -1.32
N ASP A 589 -21.96 -9.37 -1.43
CA ASP A 589 -21.15 -8.80 -2.50
C ASP A 589 -19.72 -9.33 -2.43
N PHE A 590 -19.19 -9.45 -1.21
CA PHE A 590 -17.86 -10.02 -1.03
C PHE A 590 -17.86 -11.47 -1.52
N THR A 591 -18.85 -12.24 -1.08
CA THR A 591 -18.98 -13.64 -1.48
C THR A 591 -19.02 -13.78 -3.01
N GLN A 592 -19.84 -12.95 -3.66
CA GLN A 592 -19.89 -12.96 -5.12
C GLN A 592 -18.52 -12.72 -5.75
N GLN A 593 -17.86 -11.66 -5.31
CA GLN A 593 -16.58 -11.28 -5.88
C GLN A 593 -15.57 -12.42 -5.77
N VAL A 594 -15.53 -13.07 -4.62
CA VAL A 594 -14.57 -14.12 -4.37
C VAL A 594 -14.89 -15.33 -5.25
N GLN A 595 -16.17 -15.65 -5.37
CA GLN A 595 -16.62 -16.75 -6.25
C GLN A 595 -16.17 -16.52 -7.68
N VAL A 596 -16.41 -15.31 -8.18
CA VAL A 596 -16.02 -14.94 -9.53
C VAL A 596 -14.52 -15.08 -9.72
N ILE A 597 -13.76 -14.51 -8.79
CA ILE A 597 -12.31 -14.52 -8.89
C ILE A 597 -11.75 -15.94 -8.74
N GLU A 598 -12.38 -16.74 -7.90
CA GLU A 598 -11.94 -18.11 -7.72
C GLU A 598 -12.09 -18.92 -9.01
N MET A 599 -13.08 -18.54 -9.82
CA MET A 599 -13.32 -19.21 -11.09
C MET A 599 -12.36 -18.72 -12.17
N LEU A 600 -12.21 -17.40 -12.24
CA LEU A 600 -11.34 -16.78 -13.25
C LEU A 600 -9.89 -17.19 -13.01
N GLN A 601 -9.53 -17.39 -11.76
CA GLN A 601 -8.18 -17.82 -11.41
C GLN A 601 -7.88 -19.20 -11.97
N LYS A 602 -8.81 -20.13 -11.77
CA LYS A 602 -8.64 -21.49 -12.26
C LYS A 602 -8.47 -21.51 -13.78
N VAL A 603 -9.32 -20.76 -14.48
CA VAL A 603 -9.23 -20.68 -15.93
C VAL A 603 -7.85 -20.20 -16.37
N THR A 604 -7.34 -19.19 -15.69
CA THR A 604 -6.03 -18.62 -16.04
C THR A 604 -4.95 -19.70 -15.98
N LEU A 605 -4.91 -20.44 -14.89
CA LEU A 605 -3.93 -21.51 -14.71
C LEU A 605 -4.07 -22.60 -15.78
N ASP A 606 -5.28 -23.09 -15.97
CA ASP A 606 -5.53 -24.12 -16.96
C ASP A 606 -5.05 -23.69 -18.35
N ILE A 607 -5.19 -22.40 -18.63
CA ILE A 607 -4.76 -21.86 -19.91
C ILE A 607 -3.24 -21.78 -20.01
N LYS A 608 -2.60 -21.40 -18.91
CA LYS A 608 -1.14 -21.30 -18.88
C LYS A 608 -0.50 -22.65 -19.18
N SER A 609 -1.05 -23.70 -18.59
CA SER A 609 -0.54 -25.05 -18.80
C SER A 609 -0.59 -25.44 -20.26
N LEU A 610 -1.60 -24.96 -20.98
CA LEU A 610 -1.73 -25.23 -22.41
C LEU A 610 -0.56 -24.65 -23.19
N ASP A 616 3.33 -16.48 -28.86
CA ASP A 616 2.25 -16.79 -29.79
C ASP A 616 1.18 -17.65 -29.14
N VAL A 617 -0.08 -17.37 -29.46
CA VAL A 617 -1.20 -18.11 -28.91
C VAL A 617 -1.90 -18.92 -30.00
N SER A 618 -1.66 -20.23 -30.02
CA SER A 618 -2.23 -21.11 -31.05
C SER A 618 -3.75 -21.21 -30.94
N SER A 619 -4.39 -21.57 -32.04
CA SER A 619 -5.85 -21.70 -32.07
C SER A 619 -6.35 -22.58 -30.94
N GLN A 620 -5.57 -23.61 -30.61
CA GLN A 620 -5.95 -24.55 -29.56
C GLN A 620 -6.11 -23.86 -28.21
N VAL A 621 -5.13 -23.04 -27.83
CA VAL A 621 -5.20 -22.32 -26.57
C VAL A 621 -6.23 -21.19 -26.62
N ILE A 622 -6.39 -20.59 -27.80
CA ILE A 622 -7.44 -19.59 -27.99
C ILE A 622 -8.82 -20.23 -27.86
N SER A 623 -8.99 -21.38 -28.51
CA SER A 623 -10.28 -22.09 -28.48
C SER A 623 -10.61 -22.57 -27.08
N GLN A 624 -9.60 -23.04 -26.35
CA GLN A 624 -9.79 -23.49 -24.98
C GLN A 624 -10.25 -22.35 -24.08
N LEU A 625 -9.62 -21.18 -24.21
CA LEU A 625 -9.99 -20.02 -23.41
C LEU A 625 -11.47 -19.68 -23.60
N LYS A 626 -11.85 -19.42 -24.84
CA LYS A 626 -13.22 -19.05 -25.17
C LYS A 626 -14.20 -20.13 -24.73
N GLN A 627 -13.85 -21.39 -24.94
CA GLN A 627 -14.68 -22.50 -24.51
C GLN A 627 -14.88 -22.51 -23.00
N LYS A 628 -13.79 -22.39 -22.26
CA LYS A 628 -13.84 -22.35 -20.80
C LYS A 628 -14.69 -21.18 -20.31
N LEU A 629 -14.53 -20.03 -20.96
CA LEU A 629 -15.28 -18.84 -20.58
C LEU A 629 -16.77 -19.01 -20.87
N GLU A 630 -17.08 -19.79 -21.90
CA GLU A 630 -18.47 -20.09 -22.25
C GLU A 630 -19.14 -20.90 -21.14
N ASN A 631 -18.48 -21.97 -20.71
CA ASN A 631 -19.02 -22.80 -19.66
C ASN A 631 -19.31 -22.03 -18.37
N LEU A 632 -18.33 -21.27 -17.90
CA LEU A 632 -18.51 -20.44 -16.73
C LEU A 632 -19.75 -19.56 -16.87
N GLN A 633 -19.82 -18.82 -17.98
CA GLN A 633 -20.91 -17.90 -18.20
C GLN A 633 -22.24 -18.63 -18.27
N ASN A 634 -22.19 -19.90 -18.68
CA ASN A 634 -23.38 -20.73 -18.73
C ASN A 634 -23.66 -21.42 -17.42
N LEU A 635 -24.50 -20.80 -16.59
CA LEU A 635 -25.01 -21.44 -15.39
C LEU A 635 -23.93 -21.73 -14.35
N ASN A 636 -22.86 -20.95 -14.35
CA ASN A 636 -21.75 -21.22 -13.44
C ASN A 636 -21.23 -19.98 -12.69
N LEU A 637 -21.24 -18.84 -13.36
CA LEU A 637 -20.70 -17.60 -12.81
C LEU A 637 -21.79 -16.61 -12.43
N PRO A 638 -21.72 -16.05 -11.21
CA PRO A 638 -22.67 -15.04 -10.74
C PRO A 638 -22.96 -14.01 -11.83
N GLU A 639 -24.21 -13.56 -11.91
CA GLU A 639 -24.63 -12.69 -12.99
C GLU A 639 -24.26 -11.22 -12.76
N SER A 640 -23.42 -10.97 -11.77
CA SER A 640 -23.01 -9.61 -11.44
C SER A 640 -22.05 -9.59 -10.24
N PHE A 641 -20.93 -8.88 -10.39
CA PHE A 641 -19.95 -8.76 -9.31
C PHE A 641 -19.25 -7.40 -9.33
N ARG A 642 -18.93 -6.87 -8.15
CA ARG A 642 -18.23 -5.59 -8.06
C ARG A 642 -16.77 -5.72 -8.46
N VAL A 643 -16.26 -4.69 -9.13
CA VAL A 643 -14.86 -4.64 -9.54
C VAL A 643 -13.99 -4.28 -8.34
N PRO A 644 -13.15 -5.22 -7.90
CA PRO A 644 -12.39 -5.12 -6.64
C PRO A 644 -11.51 -3.86 -6.53
N TYR A 645 -11.08 -3.30 -7.66
CA TYR A 645 -10.29 -2.07 -7.63
C TYR A 645 -11.13 -0.83 -7.96
N ASP A 646 -12.38 -1.04 -8.38
CA ASP A 646 -13.31 0.05 -8.65
C ASP A 646 -14.71 -0.33 -8.17
N PRO A 647 -14.88 -0.35 -6.84
CA PRO A 647 -16.05 -0.82 -6.11
C PRO A 647 -17.40 -0.31 -6.63
N GLY A 648 -17.49 0.98 -6.93
CA GLY A 648 -18.71 1.55 -7.47
C GLY A 648 -19.14 0.87 -8.77
N LEU A 649 -18.21 0.19 -9.42
CA LEU A 649 -18.45 -0.46 -10.71
C LEU A 649 -18.85 -1.92 -10.58
N LYS A 650 -19.86 -2.33 -11.34
CA LYS A 650 -20.34 -3.72 -11.32
C LYS A 650 -20.17 -4.38 -12.68
N ALA A 651 -19.42 -5.47 -12.72
CA ALA A 651 -19.22 -6.21 -13.96
C ALA A 651 -20.36 -7.19 -14.21
N GLY A 652 -20.85 -7.22 -15.44
CA GLY A 652 -21.94 -8.10 -15.80
C GLY A 652 -21.46 -9.39 -16.45
N ALA A 653 -21.74 -9.53 -17.75
CA ALA A 653 -21.39 -10.73 -18.48
C ALA A 653 -20.11 -10.55 -19.27
N LEU A 654 -19.35 -11.64 -19.42
CA LEU A 654 -18.17 -11.64 -20.27
C LEU A 654 -18.53 -11.34 -21.71
N ALA A 655 -17.65 -10.65 -22.41
CA ALA A 655 -17.70 -10.57 -23.86
C ALA A 655 -16.64 -11.52 -24.41
N ILE A 656 -17.01 -12.79 -24.55
CA ILE A 656 -16.05 -13.83 -24.90
C ILE A 656 -15.36 -13.54 -26.23
N GLU A 657 -16.00 -12.69 -27.04
CA GLU A 657 -15.45 -12.33 -28.35
C GLU A 657 -14.18 -11.49 -28.21
N LYS A 658 -14.15 -10.66 -27.17
CA LYS A 658 -13.04 -9.75 -26.93
C LYS A 658 -12.03 -10.34 -25.96
N CYS A 659 -12.42 -11.38 -25.24
CA CYS A 659 -11.52 -12.03 -24.29
C CYS A 659 -10.44 -12.77 -25.06
N LYS A 660 -9.20 -12.63 -24.60
CA LYS A 660 -8.07 -13.26 -25.28
C LYS A 660 -6.93 -13.52 -24.31
N VAL A 661 -6.02 -14.40 -24.69
CA VAL A 661 -4.79 -14.59 -23.92
C VAL A 661 -3.70 -13.70 -24.50
N MET A 662 -3.19 -12.80 -23.67
CA MET A 662 -2.17 -11.86 -24.10
C MET A 662 -0.89 -12.61 -24.42
N ALA A 663 -0.11 -12.08 -25.36
CA ALA A 663 1.11 -12.74 -25.81
C ALA A 663 2.29 -12.45 -24.89
N SER A 664 2.12 -12.72 -23.60
CA SER A 664 3.21 -12.58 -22.64
C SER A 664 3.65 -13.95 -22.14
N LYS A 665 4.82 -14.01 -21.53
CA LYS A 665 5.37 -15.29 -21.09
C LYS A 665 4.62 -15.91 -19.93
N LYS A 666 3.94 -15.09 -19.13
CA LYS A 666 3.12 -15.61 -18.03
C LYS A 666 1.65 -15.77 -18.43
N LYS A 667 1.38 -15.58 -19.73
CA LYS A 667 0.05 -15.78 -20.30
C LYS A 667 -1.09 -15.18 -19.48
N PRO A 668 -1.13 -13.83 -19.39
CA PRO A 668 -2.20 -13.12 -18.69
C PRO A 668 -3.51 -13.17 -19.46
N LEU A 669 -4.63 -13.31 -18.76
CA LEU A 669 -5.93 -13.24 -19.40
C LEU A 669 -6.39 -11.80 -19.59
N TRP A 670 -6.68 -11.44 -20.83
CA TRP A 670 -7.31 -10.17 -21.15
C TRP A 670 -8.80 -10.42 -21.20
N LEU A 671 -9.53 -9.86 -20.24
CA LEU A 671 -10.95 -10.16 -20.10
C LEU A 671 -11.83 -8.92 -20.26
N GLU A 672 -13.00 -9.12 -20.88
CA GLU A 672 -13.92 -8.01 -21.10
C GLU A 672 -15.27 -8.34 -20.48
N PHE A 673 -15.89 -7.34 -19.88
CA PHE A 673 -17.21 -7.51 -19.29
C PHE A 673 -18.11 -6.37 -19.72
N LYS A 674 -19.40 -6.65 -19.81
CA LYS A 674 -20.40 -5.60 -19.97
C LYS A 674 -20.68 -5.06 -18.58
N CYS A 675 -21.17 -3.84 -18.49
CA CYS A 675 -21.56 -3.30 -17.19
C CYS A 675 -22.98 -3.75 -16.87
N ALA A 676 -23.17 -4.26 -15.65
CA ALA A 676 -24.47 -4.80 -15.24
C ALA A 676 -25.50 -3.69 -15.09
N ASP A 677 -25.03 -2.47 -14.85
CA ASP A 677 -25.91 -1.34 -14.62
C ASP A 677 -26.49 -0.78 -15.92
N PRO A 678 -27.81 -0.95 -16.12
CA PRO A 678 -28.48 -0.49 -17.35
C PRO A 678 -28.47 1.02 -17.49
N THR A 679 -28.39 1.74 -16.36
CA THR A 679 -28.35 3.19 -16.39
C THR A 679 -27.01 3.72 -16.88
N ALA A 680 -26.10 2.80 -17.21
CA ALA A 680 -24.79 3.17 -17.74
C ALA A 680 -24.94 3.72 -19.16
N LEU A 681 -24.49 4.95 -19.35
CA LEU A 681 -24.61 5.63 -20.64
C LEU A 681 -23.90 4.87 -21.75
N SER A 682 -22.57 4.93 -21.75
CA SER A 682 -21.76 4.29 -22.77
C SER A 682 -22.06 2.80 -22.91
N ASN A 683 -21.41 2.16 -23.89
CA ASN A 683 -21.49 0.71 -24.04
C ASN A 683 -20.09 0.09 -23.92
N GLU A 684 -19.12 0.91 -23.51
CA GLU A 684 -17.78 0.42 -23.30
C GLU A 684 -17.78 -0.75 -22.31
N THR A 685 -16.95 -1.75 -22.61
CA THR A 685 -16.81 -2.90 -21.74
C THR A 685 -15.92 -2.54 -20.56
N ILE A 686 -15.94 -3.39 -19.54
CA ILE A 686 -15.05 -3.25 -18.40
C ILE A 686 -13.88 -4.20 -18.59
N GLY A 687 -12.68 -3.66 -18.74
CA GLY A 687 -11.52 -4.45 -19.09
C GLY A 687 -10.63 -4.83 -17.92
N ILE A 688 -10.51 -6.13 -17.66
CA ILE A 688 -9.65 -6.62 -16.60
C ILE A 688 -8.59 -7.58 -17.12
N ILE A 689 -7.33 -7.28 -16.84
CA ILE A 689 -6.26 -8.24 -17.02
C ILE A 689 -6.21 -9.15 -15.79
N PHE A 690 -6.16 -10.45 -16.01
CA PHE A 690 -6.05 -11.41 -14.93
C PHE A 690 -4.74 -12.18 -15.05
N LYS A 691 -3.86 -12.04 -14.07
CA LYS A 691 -2.49 -12.53 -14.21
C LYS A 691 -1.99 -13.36 -13.03
N HIS A 692 -1.32 -14.47 -13.34
CA HIS A 692 -0.64 -15.28 -12.34
C HIS A 692 0.86 -15.21 -12.56
N GLY A 693 1.63 -15.26 -11.47
CA GLY A 693 3.08 -15.33 -11.57
C GLY A 693 3.80 -14.17 -10.93
N ASP A 694 3.08 -13.08 -10.70
CA ASP A 694 3.68 -11.91 -10.06
C ASP A 694 3.08 -11.71 -8.67
N ASP A 695 3.90 -11.21 -7.74
CA ASP A 695 3.38 -10.78 -6.45
C ASP A 695 2.89 -9.34 -6.61
N LEU A 696 1.66 -9.20 -7.08
CA LEU A 696 1.10 -7.90 -7.42
C LEU A 696 1.02 -6.94 -6.25
N ARG A 697 1.26 -7.43 -5.03
CA ARG A 697 1.32 -6.55 -3.87
C ARG A 697 2.36 -5.45 -4.05
N GLN A 698 3.46 -5.76 -4.73
CA GLN A 698 4.50 -4.77 -4.95
C GLN A 698 3.98 -3.64 -5.86
N ASP A 699 3.36 -4.04 -6.96
CA ASP A 699 2.69 -3.12 -7.86
C ASP A 699 1.68 -2.25 -7.12
N MET A 700 0.84 -2.89 -6.30
CA MET A 700 -0.11 -2.18 -5.47
C MET A 700 0.59 -1.04 -4.74
N LEU A 701 1.72 -1.34 -4.11
CA LEU A 701 2.41 -0.35 -3.31
C LEU A 701 2.98 0.79 -4.15
N ILE A 702 3.50 0.48 -5.33
CA ILE A 702 4.03 1.51 -6.22
C ILE A 702 2.90 2.42 -6.68
N LEU A 703 1.78 1.82 -7.02
CA LEU A 703 0.63 2.58 -7.50
C LEU A 703 0.02 3.44 -6.39
N GLN A 704 0.04 2.95 -5.16
CA GLN A 704 -0.45 3.74 -4.04
C GLN A 704 0.41 4.97 -3.82
N ILE A 705 1.73 4.80 -3.85
CA ILE A 705 2.63 5.94 -3.74
C ILE A 705 2.36 6.96 -4.83
N LEU A 706 2.05 6.48 -6.03
CA LEU A 706 1.74 7.38 -7.13
C LEU A 706 0.56 8.28 -6.77
N ARG A 707 -0.46 7.69 -6.15
CA ARG A 707 -1.62 8.47 -5.70
C ARG A 707 -1.26 9.50 -4.64
N ILE A 708 -0.28 9.17 -3.81
CA ILE A 708 0.15 10.08 -2.76
C ILE A 708 0.94 11.24 -3.37
N MET A 709 1.79 10.93 -4.33
CA MET A 709 2.53 11.97 -5.06
C MET A 709 1.59 12.96 -5.72
N GLU A 710 0.51 12.47 -6.32
CA GLU A 710 -0.47 13.36 -6.94
C GLU A 710 -1.13 14.28 -5.93
N SER A 711 -1.53 13.73 -4.79
CA SER A 711 -2.18 14.53 -3.76
C SER A 711 -1.23 15.61 -3.25
N ILE A 712 0.02 15.22 -3.03
CA ILE A 712 1.06 16.19 -2.67
C ILE A 712 1.11 17.29 -3.72
N TRP A 713 1.20 16.90 -4.99
CA TRP A 713 1.22 17.90 -6.05
C TRP A 713 -0.02 18.78 -6.03
N GLU A 714 -1.16 18.20 -5.68
CA GLU A 714 -2.42 18.94 -5.62
C GLU A 714 -2.36 20.08 -4.61
N THR A 715 -1.75 19.85 -3.46
CA THR A 715 -1.63 20.89 -2.45
C THR A 715 -0.86 22.08 -3.00
N GLU A 716 -0.04 21.81 -4.01
CA GLU A 716 0.74 22.85 -4.67
C GLU A 716 0.05 23.24 -5.97
N SER A 717 -1.24 22.94 -6.06
CA SER A 717 -2.05 23.31 -7.22
C SER A 717 -1.44 22.83 -8.54
N LEU A 718 -0.63 21.79 -8.46
CA LEU A 718 -0.03 21.19 -9.65
C LEU A 718 -0.75 19.90 -10.00
N ASP A 719 -0.92 19.66 -11.29
CA ASP A 719 -1.51 18.42 -11.75
C ASP A 719 -0.63 17.79 -12.82
N LEU A 720 0.41 17.07 -12.39
CA LEU A 720 1.09 16.15 -13.27
C LEU A 720 0.04 15.08 -13.51
N CYS A 721 0.01 14.52 -14.71
CA CYS A 721 -1.14 13.69 -15.08
C CYS A 721 -0.79 12.21 -15.02
N LEU A 722 -0.54 11.71 -13.82
CA LEU A 722 -0.27 10.28 -13.63
C LEU A 722 -1.52 9.48 -13.92
N LEU A 723 -1.31 8.21 -14.22
CA LEU A 723 -2.41 7.28 -14.44
C LEU A 723 -2.17 6.03 -13.60
N PRO A 724 -2.56 6.09 -12.33
CA PRO A 724 -2.38 4.96 -11.41
C PRO A 724 -3.53 3.97 -11.56
N TYR A 725 -3.41 3.07 -12.53
CA TYR A 725 -4.47 2.10 -12.81
C TYR A 725 -4.75 1.17 -11.63
N GLY A 726 -5.97 0.65 -11.59
CA GLY A 726 -6.36 -0.24 -10.52
C GLY A 726 -5.59 -1.54 -10.59
N CYS A 727 -5.31 -2.10 -9.42
CA CYS A 727 -4.55 -3.33 -9.33
C CYS A 727 -4.84 -3.94 -7.97
N ILE A 728 -5.27 -5.19 -7.95
CA ILE A 728 -5.55 -5.88 -6.69
C ILE A 728 -4.96 -7.28 -6.69
N SER A 729 -4.10 -7.54 -5.71
CA SER A 729 -3.59 -8.88 -5.49
C SER A 729 -4.64 -9.71 -4.76
N THR A 730 -5.10 -10.80 -5.39
CA THR A 730 -6.20 -11.57 -4.85
C THR A 730 -5.78 -12.84 -4.14
N GLY A 731 -4.59 -13.34 -4.47
CA GLY A 731 -4.10 -14.57 -3.89
C GLY A 731 -2.63 -14.81 -4.15
N ASP A 732 -2.21 -16.07 -4.06
CA ASP A 732 -0.81 -16.43 -4.22
C ASP A 732 -0.30 -16.17 -5.64
N LYS A 733 0.45 -15.07 -5.80
CA LYS A 733 1.06 -14.70 -7.07
C LYS A 733 0.01 -14.42 -8.15
N ILE A 734 -1.19 -14.09 -7.72
CA ILE A 734 -2.28 -13.85 -8.64
C ILE A 734 -3.07 -12.59 -8.29
N GLY A 735 -3.69 -12.00 -9.30
CA GLY A 735 -4.52 -10.84 -9.08
C GLY A 735 -4.99 -10.22 -10.38
N MET A 736 -5.62 -9.06 -10.27
CA MET A 736 -6.20 -8.38 -11.42
C MET A 736 -5.62 -6.98 -11.61
N ILE A 737 -5.74 -6.48 -12.84
CA ILE A 737 -5.20 -5.20 -13.21
C ILE A 737 -6.21 -4.50 -14.11
N GLU A 738 -6.40 -3.21 -13.90
CA GLU A 738 -7.33 -2.43 -14.72
C GLU A 738 -6.77 -2.21 -16.12
N ILE A 739 -7.59 -2.52 -17.12
CA ILE A 739 -7.25 -2.19 -18.50
C ILE A 739 -7.64 -0.74 -18.77
N VAL A 740 -6.65 0.09 -19.09
CA VAL A 740 -6.92 1.48 -19.44
C VAL A 740 -7.34 1.58 -20.90
N LYS A 741 -8.44 2.29 -21.14
CA LYS A 741 -8.99 2.42 -22.48
C LYS A 741 -8.06 3.21 -23.40
N ASP A 742 -8.15 2.91 -24.70
CA ASP A 742 -7.45 3.67 -25.74
C ASP A 742 -5.94 3.77 -25.54
N ALA A 743 -5.32 2.68 -25.12
CA ALA A 743 -3.90 2.71 -24.79
C ALA A 743 -3.07 1.71 -25.60
N THR A 744 -1.91 2.17 -26.05
CA THR A 744 -0.95 1.29 -26.69
C THR A 744 0.41 1.49 -26.05
N THR A 745 1.31 0.54 -26.29
CA THR A 745 2.65 0.60 -25.74
C THR A 745 3.57 1.40 -26.65
N ILE A 746 4.45 2.19 -26.04
CA ILE A 746 5.44 2.96 -26.79
C ILE A 746 6.22 2.07 -27.74
N ALA A 747 6.49 0.84 -27.32
CA ALA A 747 7.23 -0.09 -28.15
C ALA A 747 6.43 -0.42 -29.41
N LYS A 748 5.16 -0.73 -29.22
CA LYS A 748 4.29 -1.12 -30.34
C LYS A 748 4.07 0.06 -31.28
N ILE A 749 3.86 1.25 -30.72
CA ILE A 749 3.72 2.44 -31.53
C ILE A 749 4.83 2.50 -32.58
N GLN A 750 6.04 2.18 -32.16
CA GLN A 750 7.19 2.22 -33.06
C GLN A 750 7.41 0.92 -33.82
N GLN A 751 6.84 -0.17 -33.32
CA GLN A 751 6.95 -1.47 -34.00
C GLN A 751 6.24 -1.41 -35.34
N SER A 752 5.32 -0.46 -35.47
CA SER A 752 4.59 -0.27 -36.72
C SER A 752 5.54 0.07 -37.86
N THR A 753 6.16 1.25 -37.76
CA THR A 753 7.07 1.73 -38.80
C THR A 753 8.26 0.78 -39.00
N VAL A 754 8.64 0.08 -37.95
CA VAL A 754 9.76 -0.84 -38.01
C VAL A 754 9.35 -2.24 -37.56
N GLY A 755 10.08 -2.80 -36.60
CA GLY A 755 9.77 -4.12 -36.08
C GLY A 755 10.95 -4.88 -35.54
N ASN A 756 11.36 -5.93 -36.27
CA ASN A 756 12.42 -6.83 -35.83
C ASN A 756 13.64 -6.09 -35.30
N THR A 757 14.26 -5.32 -36.17
CA THR A 757 15.42 -4.51 -35.79
C THR A 757 15.00 -3.52 -34.71
N GLY A 758 15.91 -3.19 -33.80
CA GLY A 758 15.62 -2.23 -32.75
C GLY A 758 15.67 -0.82 -33.30
N ALA A 759 15.27 -0.67 -34.56
CA ALA A 759 15.40 0.58 -35.28
C ALA A 759 14.37 1.63 -34.86
N PHE A 760 14.57 2.20 -33.67
CA PHE A 760 13.70 3.24 -33.15
C PHE A 760 13.82 4.51 -34.00
N LYS A 761 12.68 5.14 -34.29
CA LYS A 761 12.64 6.39 -35.04
C LYS A 761 12.09 7.55 -34.20
N ASP A 762 12.62 8.74 -34.42
CA ASP A 762 12.35 9.88 -33.56
C ASP A 762 10.97 10.52 -33.74
N GLU A 763 10.48 10.55 -34.98
CA GLU A 763 9.25 11.29 -35.29
C GLU A 763 7.97 10.48 -35.09
N VAL A 764 8.12 9.15 -34.98
CA VAL A 764 6.98 8.22 -34.94
C VAL A 764 5.90 8.53 -33.89
N LEU A 765 6.31 8.76 -32.65
CA LEU A 765 5.38 9.04 -31.56
C LEU A 765 4.50 10.24 -31.89
N ASN A 766 5.15 11.33 -32.30
CA ASN A 766 4.40 12.51 -32.71
C ASN A 766 3.44 12.21 -33.85
N HIS A 767 3.92 11.49 -34.86
CA HIS A 767 3.06 11.05 -35.96
C HIS A 767 1.81 10.38 -35.41
N TRP A 768 2.02 9.46 -34.47
CA TRP A 768 0.93 8.67 -33.90
C TRP A 768 -0.10 9.53 -33.17
N LEU A 769 0.36 10.58 -32.49
CA LEU A 769 -0.54 11.50 -31.81
C LEU A 769 -1.37 12.35 -32.78
N LYS A 770 -0.75 12.77 -33.88
CA LYS A 770 -1.45 13.54 -34.92
C LYS A 770 -2.53 12.69 -35.57
N GLU A 771 -2.18 11.43 -35.84
CA GLU A 771 -3.12 10.48 -36.43
C GLU A 771 -4.34 10.29 -35.55
N LYS A 772 -4.12 10.15 -34.24
CA LYS A 772 -5.19 9.79 -33.31
C LYS A 772 -6.07 10.96 -32.85
N SER A 773 -5.73 12.18 -33.29
CA SER A 773 -6.55 13.34 -32.97
C SER A 773 -7.37 13.77 -34.19
N PRO A 774 -8.69 13.80 -34.05
CA PRO A 774 -9.61 14.17 -35.14
C PRO A 774 -9.41 15.64 -35.53
N THR A 775 -9.54 16.52 -34.56
CA THR A 775 -9.33 17.95 -34.77
C THR A 775 -7.92 18.32 -34.37
N GLU A 776 -7.30 19.19 -35.15
CA GLU A 776 -5.96 19.65 -34.86
C GLU A 776 -5.85 20.31 -33.48
N GLU A 777 -6.98 20.70 -32.91
CA GLU A 777 -7.00 21.32 -31.59
C GLU A 777 -6.78 20.29 -30.47
N LYS A 778 -7.38 19.13 -30.63
CA LYS A 778 -7.24 18.06 -29.65
C LYS A 778 -5.78 17.63 -29.58
N PHE A 779 -5.11 17.65 -30.73
CA PHE A 779 -3.71 17.28 -30.82
C PHE A 779 -2.80 18.09 -29.89
N GLN A 780 -2.96 19.42 -29.89
CA GLN A 780 -2.13 20.28 -29.06
C GLN A 780 -2.39 20.05 -27.57
N ALA A 781 -3.61 19.62 -27.25
CA ALA A 781 -3.96 19.30 -25.87
C ALA A 781 -3.29 17.98 -25.48
N ALA A 782 -3.37 17.01 -26.39
CA ALA A 782 -2.70 15.72 -26.21
C ALA A 782 -1.21 15.95 -26.04
N VAL A 783 -0.66 16.86 -26.83
CA VAL A 783 0.75 17.20 -26.75
C VAL A 783 1.09 17.79 -25.39
N GLU A 784 0.18 18.59 -24.85
CA GLU A 784 0.38 19.20 -23.54
C GLU A 784 0.21 18.15 -22.44
N ARG A 785 -0.81 17.31 -22.60
CA ARG A 785 -1.07 16.21 -21.69
C ARG A 785 0.16 15.30 -21.63
N PHE A 786 0.77 15.10 -22.79
CA PHE A 786 2.00 14.32 -22.90
C PHE A 786 3.11 14.99 -22.11
N VAL A 787 3.20 16.30 -22.23
CA VAL A 787 4.27 17.04 -21.57
C VAL A 787 4.16 16.96 -20.05
N TYR A 788 2.94 17.01 -19.53
CA TYR A 788 2.71 16.94 -18.09
C TYR A 788 2.85 15.53 -17.53
N SER A 789 2.27 14.54 -18.22
CA SER A 789 2.35 13.16 -17.74
C SER A 789 3.77 12.60 -17.88
N CYS A 790 4.50 13.10 -18.87
CA CYS A 790 5.89 12.69 -19.07
C CYS A 790 6.74 13.19 -17.91
N ALA A 791 6.65 14.49 -17.64
CA ALA A 791 7.39 15.08 -16.53
C ALA A 791 6.97 14.44 -15.20
N GLY A 792 5.69 14.18 -15.05
CA GLY A 792 5.18 13.56 -13.84
C GLY A 792 5.77 12.18 -13.63
N TYR A 793 5.90 11.41 -14.71
CA TYR A 793 6.48 10.07 -14.58
C TYR A 793 8.00 10.09 -14.45
N CYS A 794 8.66 11.08 -15.04
CA CYS A 794 10.11 11.18 -14.89
C CYS A 794 10.47 11.49 -13.43
N VAL A 795 9.69 12.36 -12.79
CA VAL A 795 9.94 12.72 -11.40
C VAL A 795 9.56 11.56 -10.48
N ALA A 796 8.30 11.13 -10.57
CA ALA A 796 7.78 10.06 -9.72
C ALA A 796 8.65 8.83 -9.84
N THR A 797 9.01 8.51 -11.06
CA THR A 797 9.78 7.32 -11.35
C THR A 797 11.24 7.48 -10.89
N PHE A 798 11.74 8.71 -10.91
CA PHE A 798 13.10 8.97 -10.48
C PHE A 798 13.23 8.84 -8.98
N VAL A 799 12.25 9.44 -8.28
CA VAL A 799 12.20 9.43 -6.83
C VAL A 799 12.04 8.01 -6.29
N LEU A 800 11.35 7.16 -7.05
CA LEU A 800 11.12 5.78 -6.63
C LEU A 800 12.22 4.84 -7.11
N GLY A 801 13.05 5.31 -8.04
CA GLY A 801 14.19 4.54 -8.50
C GLY A 801 13.86 3.54 -9.60
N ILE A 802 12.67 3.66 -10.18
CA ILE A 802 12.22 2.71 -11.18
C ILE A 802 12.08 3.37 -12.55
N GLY A 803 12.88 4.41 -12.77
CA GLY A 803 12.80 5.19 -13.99
C GLY A 803 13.39 4.59 -15.25
N ASP A 804 14.47 3.81 -15.11
CA ASP A 804 15.12 3.22 -16.27
C ASP A 804 14.34 2.02 -16.80
N ARG A 805 13.49 2.26 -17.79
CA ARG A 805 12.63 1.22 -18.33
C ARG A 805 12.82 1.02 -19.81
N HIS A 806 12.52 -0.20 -20.26
CA HIS A 806 12.39 -0.50 -21.67
C HIS A 806 11.03 0.02 -22.08
N ASN A 807 10.92 0.57 -23.29
CA ASN A 807 9.70 1.27 -23.65
C ASN A 807 8.50 0.36 -23.92
N ASP A 808 8.71 -0.94 -23.81
CA ASP A 808 7.59 -1.88 -23.90
C ASP A 808 6.76 -1.82 -22.62
N ASN A 809 7.37 -1.30 -21.54
CA ASN A 809 6.68 -1.15 -20.26
C ASN A 809 6.26 0.29 -20.02
N ILE A 810 6.17 1.07 -21.10
CA ILE A 810 5.64 2.41 -21.01
C ILE A 810 4.53 2.54 -22.04
N MET A 811 3.37 2.98 -21.59
CA MET A 811 2.23 3.10 -22.48
C MET A 811 1.83 4.55 -22.68
N ILE A 812 0.92 4.75 -23.63
CA ILE A 812 0.38 6.07 -23.87
C ILE A 812 -1.04 5.98 -24.37
N THR A 813 -1.86 6.94 -23.93
CA THR A 813 -3.24 7.06 -24.36
C THR A 813 -3.36 7.84 -25.68
N GLU A 814 -4.42 7.59 -26.43
CA GLU A 814 -4.71 8.33 -27.66
C GLU A 814 -4.76 9.83 -27.42
N THR A 815 -5.03 10.22 -26.18
CA THR A 815 -5.15 11.63 -25.81
C THR A 815 -3.86 12.15 -25.17
N GLY A 816 -2.82 11.32 -25.21
CA GLY A 816 -1.50 11.75 -24.81
C GLY A 816 -1.06 11.43 -23.39
N ASN A 817 -1.88 10.69 -22.66
CA ASN A 817 -1.54 10.35 -21.28
C ASN A 817 -0.50 9.23 -21.20
N LEU A 818 0.73 9.60 -20.89
CA LEU A 818 1.80 8.63 -20.76
C LEU A 818 1.74 8.03 -19.36
N PHE A 819 2.02 6.73 -19.24
CA PHE A 819 2.06 6.05 -17.96
C PHE A 819 2.92 4.79 -17.97
N HIS A 820 3.62 4.55 -16.87
CA HIS A 820 4.42 3.35 -16.73
C HIS A 820 3.58 2.17 -16.24
N ILE A 821 3.92 0.97 -16.69
CA ILE A 821 3.20 -0.25 -16.29
C ILE A 821 4.21 -1.30 -15.91
N ASP A 822 3.75 -2.49 -15.53
CA ASP A 822 4.62 -3.63 -15.29
C ASP A 822 5.67 -3.35 -14.21
N PHE A 823 5.22 -2.92 -13.04
CA PHE A 823 6.17 -2.57 -11.99
C PHE A 823 6.78 -3.81 -11.33
N GLY A 824 6.03 -4.91 -11.36
CA GLY A 824 6.51 -6.17 -10.82
C GLY A 824 7.79 -6.64 -11.50
N HIS A 825 7.83 -6.52 -12.82
CA HIS A 825 8.99 -7.00 -13.57
C HIS A 825 10.29 -6.32 -13.13
N ILE A 826 10.29 -4.98 -13.11
CA ILE A 826 11.50 -4.26 -12.74
C ILE A 826 11.89 -4.49 -11.27
N LEU A 827 10.91 -4.46 -10.38
CA LEU A 827 11.15 -4.72 -8.96
C LEU A 827 11.71 -6.13 -8.71
N GLY A 828 11.24 -7.10 -9.49
CA GLY A 828 11.66 -8.49 -9.32
C GLY A 828 13.04 -8.78 -9.88
N ASN A 829 13.49 -7.94 -10.80
CA ASN A 829 14.81 -8.12 -11.43
C ASN A 829 15.71 -6.93 -11.19
N TYR A 830 15.42 -6.15 -10.15
CA TYR A 830 16.14 -4.90 -9.91
C TYR A 830 17.63 -5.11 -9.64
N ARG A 840 23.38 3.66 -18.40
CA ARG A 840 22.13 3.78 -17.65
C ARG A 840 21.52 5.17 -17.76
N VAL A 841 20.28 5.30 -17.29
CA VAL A 841 19.51 6.53 -17.44
C VAL A 841 18.59 6.72 -16.22
N PRO A 842 18.42 7.98 -15.75
CA PRO A 842 17.71 8.30 -14.51
C PRO A 842 16.21 8.09 -14.65
N PHE A 843 15.75 8.22 -15.90
CA PHE A 843 14.36 7.98 -16.24
C PHE A 843 14.24 7.93 -17.75
N VAL A 844 13.02 7.73 -18.26
CA VAL A 844 12.83 7.62 -19.70
C VAL A 844 12.35 8.92 -20.33
N LEU A 845 13.25 9.54 -21.09
CA LEU A 845 12.93 10.72 -21.89
C LEU A 845 13.75 10.60 -23.16
N THR A 846 13.20 9.86 -24.12
CA THR A 846 13.91 9.50 -25.35
C THR A 846 13.59 10.43 -26.53
N PRO A 847 14.43 10.40 -27.57
CA PRO A 847 14.27 11.24 -28.76
C PRO A 847 12.83 11.37 -29.25
N ASP A 848 12.07 10.27 -29.21
CA ASP A 848 10.69 10.29 -29.65
C ASP A 848 9.81 11.16 -28.75
N PHE A 849 10.03 11.07 -27.43
CA PHE A 849 9.32 11.92 -26.48
C PHE A 849 9.75 13.37 -26.69
N LEU A 850 11.05 13.57 -26.88
CA LEU A 850 11.60 14.90 -27.04
C LEU A 850 11.12 15.55 -28.33
N PHE A 851 10.93 14.73 -29.35
CA PHE A 851 10.45 15.23 -30.63
C PHE A 851 9.03 15.79 -30.50
N VAL A 852 8.20 15.11 -29.72
CA VAL A 852 6.82 15.54 -29.52
C VAL A 852 6.79 16.95 -28.95
N MET A 853 7.77 17.24 -28.09
CA MET A 853 7.88 18.56 -27.47
C MET A 853 8.55 19.55 -28.45
N GLY A 854 8.98 19.03 -29.59
CA GLY A 854 9.57 19.86 -30.63
C GLY A 854 11.04 20.20 -30.41
N THR A 855 11.86 19.18 -30.21
CA THR A 855 13.30 19.40 -30.07
C THR A 855 14.10 18.20 -30.57
N SER A 856 15.31 18.46 -31.04
CA SER A 856 16.17 17.40 -31.55
C SER A 856 17.63 17.83 -31.50
N GLY A 857 18.41 17.15 -30.67
CA GLY A 857 19.83 17.44 -30.53
C GLY A 857 20.08 18.73 -29.78
N LYS A 858 21.10 19.47 -30.23
CA LYS A 858 21.47 20.74 -29.63
C LYS A 858 20.44 21.82 -29.97
N LYS A 859 19.28 21.74 -29.34
CA LYS A 859 18.21 22.70 -29.58
C LYS A 859 17.37 22.94 -28.33
N THR A 860 16.18 23.51 -28.54
CA THR A 860 15.25 23.79 -27.46
C THR A 860 13.87 24.00 -28.06
N SER A 861 12.88 24.26 -27.20
CA SER A 861 11.51 24.45 -27.65
C SER A 861 10.65 24.99 -26.53
N PRO A 862 9.54 25.68 -26.88
CA PRO A 862 8.60 26.11 -25.86
C PRO A 862 8.20 24.91 -25.00
N HIS A 863 7.79 23.84 -25.64
CA HIS A 863 7.32 22.66 -24.91
C HIS A 863 8.42 22.02 -24.06
N PHE A 864 9.66 22.06 -24.54
CA PHE A 864 10.77 21.52 -23.75
C PHE A 864 11.11 22.42 -22.57
N GLN A 865 11.03 23.75 -22.76
CA GLN A 865 11.21 24.70 -21.68
C GLN A 865 10.14 24.43 -20.63
N LYS A 866 8.92 24.22 -21.10
CA LYS A 866 7.78 23.91 -20.25
C LYS A 866 8.10 22.65 -19.44
N PHE A 867 8.53 21.60 -20.14
CA PHE A 867 8.88 20.33 -19.52
C PHE A 867 9.83 20.50 -18.32
N GLN A 868 11.02 21.05 -18.58
CA GLN A 868 11.98 21.31 -17.53
C GLN A 868 11.31 21.99 -16.34
N ASP A 869 10.69 23.13 -16.62
CA ASP A 869 10.01 23.92 -15.60
C ASP A 869 9.10 23.03 -14.74
N VAL A 870 8.21 22.29 -15.40
CA VAL A 870 7.27 21.43 -14.69
C VAL A 870 7.99 20.40 -13.83
N CYS A 871 9.00 19.74 -14.40
CA CYS A 871 9.78 18.77 -13.63
C CYS A 871 10.30 19.43 -12.37
N VAL A 872 10.93 20.59 -12.53
CA VAL A 872 11.50 21.32 -11.42
C VAL A 872 10.44 21.57 -10.35
N LYS A 873 9.29 22.10 -10.75
CA LYS A 873 8.21 22.37 -9.81
C LYS A 873 7.80 21.08 -9.11
N ALA A 874 7.41 20.08 -9.89
CA ALA A 874 6.96 18.79 -9.37
C ALA A 874 7.95 18.25 -8.34
N TYR A 875 9.23 18.34 -8.67
CA TYR A 875 10.30 17.79 -7.86
C TYR A 875 10.45 18.50 -6.52
N LEU A 876 10.64 19.82 -6.55
CA LEU A 876 10.78 20.61 -5.33
C LEU A 876 9.54 20.46 -4.45
N ALA A 877 8.39 20.23 -5.08
CA ALA A 877 7.16 20.01 -4.34
C ALA A 877 7.23 18.70 -3.57
N LEU A 878 7.81 17.67 -4.18
CA LEU A 878 7.96 16.38 -3.50
C LEU A 878 8.92 16.54 -2.33
N ARG A 879 9.98 17.31 -2.54
CA ARG A 879 10.95 17.59 -1.50
C ARG A 879 10.32 18.33 -0.33
N HIS A 880 9.23 19.04 -0.57
CA HIS A 880 8.54 19.75 0.52
C HIS A 880 7.86 18.77 1.46
N HIS A 881 7.75 17.52 1.02
CA HIS A 881 7.16 16.47 1.84
C HIS A 881 8.14 15.32 1.98
N THR A 882 9.42 15.68 1.97
CA THR A 882 10.52 14.73 2.07
C THR A 882 10.30 13.67 3.15
N ASN A 883 9.98 14.10 4.36
CA ASN A 883 9.82 13.17 5.47
C ASN A 883 8.70 12.15 5.26
N LEU A 884 7.55 12.63 4.80
CA LEU A 884 6.43 11.78 4.44
C LEU A 884 6.86 10.72 3.42
N LEU A 885 7.52 11.15 2.36
CA LEU A 885 7.97 10.27 1.28
C LEU A 885 9.00 9.25 1.74
N ILE A 886 9.92 9.69 2.60
CA ILE A 886 10.97 8.80 3.09
C ILE A 886 10.43 7.70 4.00
N ILE A 887 9.48 8.04 4.86
CA ILE A 887 8.91 7.02 5.74
C ILE A 887 8.03 6.04 4.96
N LEU A 888 7.20 6.55 4.04
CA LEU A 888 6.39 5.64 3.22
C LEU A 888 7.27 4.74 2.35
N PHE A 889 8.37 5.28 1.85
CA PHE A 889 9.29 4.52 1.00
C PHE A 889 9.93 3.42 1.83
N SER A 890 10.55 3.82 2.93
CA SER A 890 11.12 2.90 3.90
C SER A 890 10.18 1.75 4.28
N MET A 891 8.96 2.08 4.70
CA MET A 891 7.97 1.08 5.05
C MET A 891 7.62 0.21 3.86
N MET A 892 7.42 0.84 2.71
CA MET A 892 7.05 0.13 1.49
C MET A 892 7.99 -1.03 1.19
N LEU A 893 9.30 -0.77 1.28
CA LEU A 893 10.30 -1.79 1.03
C LEU A 893 10.24 -2.90 2.07
N MET A 894 10.17 -2.51 3.34
CA MET A 894 10.21 -3.46 4.46
C MET A 894 9.05 -4.44 4.48
N THR A 895 7.86 -4.00 4.09
CA THR A 895 6.67 -4.82 4.20
C THR A 895 6.22 -5.38 2.85
N GLY A 896 6.84 -4.94 1.77
CA GLY A 896 6.36 -5.27 0.44
C GLY A 896 7.36 -5.77 -0.59
N MET A 897 8.64 -5.45 -0.41
CA MET A 897 9.66 -5.89 -1.35
C MET A 897 10.85 -6.48 -0.62
N PRO A 898 10.69 -7.71 -0.12
CA PRO A 898 11.70 -8.44 0.66
C PRO A 898 13.07 -8.42 0.00
N GLN A 899 13.07 -8.53 -1.32
CA GLN A 899 14.32 -8.62 -2.07
C GLN A 899 15.02 -7.26 -2.15
N LEU A 900 14.36 -6.23 -1.64
CA LEU A 900 14.87 -4.87 -1.71
C LEU A 900 14.81 -4.21 -0.33
N THR A 901 15.35 -4.91 0.67
CA THR A 901 15.29 -4.43 2.04
C THR A 901 16.67 -4.34 2.68
N SER A 902 17.69 -4.15 1.84
CA SER A 902 19.03 -3.91 2.35
C SER A 902 19.14 -2.45 2.77
N LYS A 903 20.19 -2.12 3.51
CA LYS A 903 20.43 -0.76 3.97
C LYS A 903 20.52 0.22 2.79
N GLU A 904 21.21 -0.21 1.74
CA GLU A 904 21.35 0.63 0.55
C GLU A 904 20.01 0.87 -0.11
N ASP A 905 19.17 -0.16 -0.11
CA ASP A 905 17.85 -0.06 -0.73
C ASP A 905 17.00 1.01 -0.04
N ILE A 906 16.84 0.89 1.27
CA ILE A 906 16.01 1.79 2.04
C ILE A 906 16.45 3.24 1.85
N GLU A 907 17.74 3.45 1.68
CA GLU A 907 18.31 4.80 1.66
C GLU A 907 18.34 5.46 0.29
N TYR A 908 17.94 4.74 -0.75
CA TYR A 908 17.98 5.30 -2.10
C TYR A 908 17.30 6.66 -2.15
N ILE A 909 16.14 6.76 -1.49
CA ILE A 909 15.29 7.93 -1.62
C ILE A 909 15.88 9.18 -0.98
N ARG A 910 16.82 9.00 -0.05
CA ARG A 910 17.50 10.15 0.55
C ARG A 910 18.25 10.90 -0.53
N ASP A 911 19.02 10.17 -1.32
CA ASP A 911 19.78 10.76 -2.42
C ASP A 911 18.88 11.24 -3.54
N ALA A 912 17.86 10.46 -3.85
CA ALA A 912 16.95 10.81 -4.94
C ALA A 912 16.20 12.10 -4.65
N LEU A 913 15.94 12.37 -3.37
CA LEU A 913 15.32 13.61 -2.96
C LEU A 913 16.36 14.65 -2.56
N THR A 914 17.63 14.40 -2.91
CA THR A 914 18.72 15.32 -2.59
C THR A 914 18.53 15.96 -1.22
N VAL A 915 18.37 15.12 -0.20
CA VAL A 915 18.17 15.59 1.16
C VAL A 915 19.27 16.54 1.59
N GLY A 916 18.86 17.67 2.19
CA GLY A 916 19.79 18.68 2.67
C GLY A 916 20.40 19.51 1.56
N LYS A 917 19.57 20.01 0.65
CA LYS A 917 20.03 20.85 -0.43
C LYS A 917 19.10 22.04 -0.67
N ASN A 918 19.68 23.16 -1.07
CA ASN A 918 18.90 24.32 -1.52
C ASN A 918 17.96 23.87 -2.62
N GLU A 919 16.86 24.60 -2.80
CA GLU A 919 16.01 24.36 -3.95
C GLU A 919 16.77 24.66 -5.24
N GLU A 920 17.71 25.60 -5.16
CA GLU A 920 18.52 25.95 -6.32
C GLU A 920 19.47 24.83 -6.69
N ASP A 921 20.19 24.31 -5.71
CA ASP A 921 21.08 23.17 -5.95
C ASP A 921 20.27 21.98 -6.44
N ALA A 922 19.17 21.71 -5.74
CA ALA A 922 18.25 20.62 -6.11
C ALA A 922 17.75 20.76 -7.54
N LYS A 923 17.30 21.96 -7.88
CA LYS A 923 16.80 22.24 -9.22
C LYS A 923 17.82 21.90 -10.29
N LYS A 924 19.06 22.36 -10.09
CA LYS A 924 20.12 22.11 -11.07
C LYS A 924 20.45 20.63 -11.11
N TYR A 925 20.22 19.95 -10.00
CA TYR A 925 20.44 18.51 -9.95
C TYR A 925 19.49 17.78 -10.90
N PHE A 926 18.22 18.15 -10.86
CA PHE A 926 17.24 17.47 -11.71
C PHE A 926 17.43 17.81 -13.18
N LEU A 927 17.70 19.08 -13.47
CA LEU A 927 17.97 19.52 -14.83
C LEU A 927 19.12 18.75 -15.45
N ASP A 928 20.15 18.50 -14.65
CA ASP A 928 21.27 17.66 -15.08
C ASP A 928 20.78 16.28 -15.46
N GLN A 929 19.85 15.75 -14.67
CA GLN A 929 19.30 14.43 -14.92
C GLN A 929 18.58 14.40 -16.26
N ILE A 930 17.84 15.47 -16.55
CA ILE A 930 17.17 15.60 -17.84
C ILE A 930 18.21 15.59 -18.94
N GLU A 931 19.33 16.25 -18.69
CA GLU A 931 20.42 16.32 -19.67
C GLU A 931 21.16 14.99 -19.83
N VAL A 932 21.25 14.21 -18.77
CA VAL A 932 21.84 12.88 -18.89
C VAL A 932 21.07 12.06 -19.91
N CYS A 933 19.74 12.20 -19.89
CA CYS A 933 18.86 11.49 -20.82
C CYS A 933 19.08 11.95 -22.27
N ARG A 934 19.18 13.25 -22.46
CA ARG A 934 19.40 13.80 -23.79
C ARG A 934 20.63 13.16 -24.39
N ASP A 935 21.72 13.16 -23.65
CA ASP A 935 23.01 12.70 -24.16
C ASP A 935 22.99 11.23 -24.55
N LYS A 936 22.13 10.46 -23.91
CA LYS A 936 22.09 9.01 -24.11
C LYS A 936 21.23 8.60 -25.30
N GLY A 937 20.26 9.44 -25.65
CA GLY A 937 19.38 9.18 -26.78
C GLY A 937 18.66 7.84 -26.70
N TRP A 938 18.88 7.01 -27.72
CA TRP A 938 18.26 5.69 -27.80
C TRP A 938 19.14 4.58 -27.25
N THR A 939 20.31 4.95 -26.71
CA THR A 939 21.32 3.96 -26.33
C THR A 939 20.80 2.88 -25.38
N VAL A 940 20.12 3.29 -24.32
CA VAL A 940 19.64 2.34 -23.32
C VAL A 940 18.45 1.54 -23.85
N GLN A 941 17.56 2.18 -24.59
CA GLN A 941 16.46 1.47 -25.24
C GLN A 941 17.02 0.34 -26.10
N PHE A 942 18.03 0.67 -26.90
CA PHE A 942 18.66 -0.30 -27.78
C PHE A 942 19.14 -1.52 -26.99
N ASN A 943 19.76 -1.25 -25.84
CA ASN A 943 20.23 -2.31 -24.96
C ASN A 943 19.09 -3.13 -24.39
N TRP A 944 18.06 -2.45 -23.90
CA TRP A 944 16.89 -3.13 -23.36
C TRP A 944 16.31 -4.08 -24.40
N PHE A 945 16.26 -3.63 -25.64
CA PHE A 945 15.74 -4.44 -26.74
C PHE A 945 16.53 -5.73 -26.91
N LEU A 946 17.86 -5.62 -26.93
CA LEU A 946 18.72 -6.79 -27.10
C LEU A 946 18.41 -7.84 -26.05
N HIS A 947 18.32 -7.39 -24.80
CA HIS A 947 18.09 -8.24 -23.65
C HIS A 947 16.68 -8.84 -23.66
N LEU A 948 15.68 -7.97 -23.59
CA LEU A 948 14.30 -8.40 -23.39
C LEU A 948 13.60 -8.94 -24.64
N VAL A 949 13.94 -8.40 -25.80
CA VAL A 949 13.28 -8.81 -27.03
C VAL A 949 13.83 -10.12 -27.59
N LEU A 950 15.15 -10.31 -27.49
CA LEU A 950 15.78 -11.53 -27.95
C LEU A 950 16.60 -12.22 -26.86
N GLY A 951 17.55 -11.50 -26.29
CA GLY A 951 18.38 -12.05 -25.23
C GLY A 951 19.87 -11.90 -25.49
N ILE A 952 20.45 -10.80 -25.01
CA ILE A 952 21.88 -10.58 -25.11
C ILE A 952 22.42 -9.90 -23.87
S SO4 B . 18.19 11.39 33.39
O1 SO4 B . 18.32 12.27 32.23
O2 SO4 B . 17.68 10.08 32.99
O3 SO4 B . 19.50 11.21 34.02
O4 SO4 B . 17.26 12.01 34.34
C1 LXX C . 0.92 -7.30 -16.51
N2 LXX C . 1.84 -7.46 -15.52
N3 LXX C . 2.15 -6.33 -14.84
C4 LXX C . 1.39 -5.41 -15.44
N5 LXX C . 1.31 -4.09 -15.16
C6 LXX C . 0.44 -3.50 -15.98
C7 LXX C . -0.33 -4.03 -17.00
C8 LXX C . -0.28 -5.37 -17.32
C9 LXX C . 0.62 -5.96 -16.47
C10 LXX C . -1.24 -3.21 -17.73
C11 LXX C . -2.10 -2.38 -17.06
C12 LXX C . -3.03 -1.63 -17.75
C13 LXX C . -3.12 -1.67 -19.12
N14 LXX C . -4.03 -0.92 -19.72
C15 LXX C . -4.07 -1.00 -21.05
C16 LXX C . -3.23 -1.78 -21.81
C17 LXX C . -2.29 -2.56 -21.17
C18 LXX C . -1.40 -3.37 -21.96
C19 LXX C . -1.89 -4.21 -22.93
C20 LXX C . -0.99 -4.94 -23.68
N21 LXX C . 0.34 -4.88 -23.56
C22 LXX C . 0.78 -4.04 -22.61
C23 LXX C . -0.04 -3.29 -21.81
C24 LXX C . -2.24 -2.49 -19.79
C25 LXX C . -1.32 -3.25 -19.11
#